data_1F9P
# 
_entry.id   1F9P 
# 
_audit_conform.dict_name       mmcif_pdbx.dic 
_audit_conform.dict_version    5.399 
_audit_conform.dict_location   http://mmcif.pdb.org/dictionaries/ascii/mmcif_pdbx.dic 
# 
loop_
_database_2.database_id 
_database_2.database_code 
_database_2.pdbx_database_accession 
_database_2.pdbx_DOI 
PDB   1F9P         pdb_00001f9p 10.2210/pdb1f9p/pdb 
RCSB  RCSB011416   ?            ?                   
WWPDB D_1000011416 ?            ?                   
# 
loop_
_pdbx_audit_revision_history.ordinal 
_pdbx_audit_revision_history.data_content_type 
_pdbx_audit_revision_history.major_revision 
_pdbx_audit_revision_history.minor_revision 
_pdbx_audit_revision_history.revision_date 
1 'Structure model' 1 0 2003-08-26 
2 'Structure model' 1 1 2008-04-27 
3 'Structure model' 1 2 2011-07-13 
4 'Structure model' 1 3 2017-10-04 
5 'Structure model' 1 4 2024-11-20 
# 
_pdbx_audit_revision_details.ordinal             1 
_pdbx_audit_revision_details.revision_ordinal    1 
_pdbx_audit_revision_details.data_content_type   'Structure model' 
_pdbx_audit_revision_details.provider            repository 
_pdbx_audit_revision_details.type                'Initial release' 
_pdbx_audit_revision_details.description         ? 
_pdbx_audit_revision_details.details             ? 
# 
loop_
_pdbx_audit_revision_group.ordinal 
_pdbx_audit_revision_group.revision_ordinal 
_pdbx_audit_revision_group.data_content_type 
_pdbx_audit_revision_group.group 
1 2 'Structure model' 'Version format compliance' 
2 3 'Structure model' 'Version format compliance' 
3 4 'Structure model' 'Refinement description'    
4 5 'Structure model' 'Data collection'           
5 5 'Structure model' 'Database references'       
6 5 'Structure model' 'Derived calculations'      
7 5 'Structure model' 'Structure summary'         
# 
loop_
_pdbx_audit_revision_category.ordinal 
_pdbx_audit_revision_category.revision_ordinal 
_pdbx_audit_revision_category.data_content_type 
_pdbx_audit_revision_category.category 
1 4 'Structure model' software                  
2 5 'Structure model' chem_comp_atom            
3 5 'Structure model' chem_comp_bond            
4 5 'Structure model' database_2                
5 5 'Structure model' pdbx_entry_details        
6 5 'Structure model' pdbx_modification_feature 
7 5 'Structure model' struct_conn               
8 5 'Structure model' struct_site               
# 
loop_
_pdbx_audit_revision_item.ordinal 
_pdbx_audit_revision_item.revision_ordinal 
_pdbx_audit_revision_item.data_content_type 
_pdbx_audit_revision_item.item 
1 5 'Structure model' '_database_2.pdbx_DOI'                
2 5 'Structure model' '_database_2.pdbx_database_accession' 
3 5 'Structure model' '_struct_conn.pdbx_leaving_atom_flag' 
4 5 'Structure model' '_struct_site.pdbx_auth_asym_id'      
5 5 'Structure model' '_struct_site.pdbx_auth_comp_id'      
6 5 'Structure model' '_struct_site.pdbx_auth_seq_id'       
# 
_pdbx_database_status.status_code                     REL 
_pdbx_database_status.entry_id                        1F9P 
_pdbx_database_status.recvd_initial_deposition_date   2000-07-11 
_pdbx_database_status.deposit_site                    RCSB 
_pdbx_database_status.process_site                    RCSB 
_pdbx_database_status.status_code_sf                  REL 
_pdbx_database_status.SG_entry                        . 
_pdbx_database_status.pdb_format_compatible           Y 
_pdbx_database_status.status_code_mr                  ? 
_pdbx_database_status.status_code_cs                  ? 
_pdbx_database_status.methods_development_category    ? 
_pdbx_database_status.status_code_nmr_data            ? 
# 
loop_
_pdbx_database_related.db_name 
_pdbx_database_related.db_id 
_pdbx_database_related.details 
_pdbx_database_related.content_type 
PDB 1TVX 'This is the structure for Asp-CTAP, which is 10 amino acids less than CTAP-III at the N-terminus' unspecified 
PDB 1NAP 
;This is the structure for neutrophil activating peptide-II (NAP-2), which is  
15 amino acids less than CTAP-III at the N-terminus
;
unspecified 
PDB 1F9Q 'Crystal structure of platelet factor 4' unspecified 
# 
loop_
_audit_author.name 
_audit_author.pdbx_ordinal 
'Yang, J.'     1 
'Faulk, T.'    2 
'Aster, R.'    3 
'Visentin, G.' 4 
'Edwards, B.'  5 
'Castor, C.'   6 
# 
_citation.id                        primary 
_citation.title                     
;Structure of the CXC Chemokine, Connective Tissue Activating Peptide-III, Complexed with the Heparin Analogue, Polyvinylsulfonic Acid
;
_citation.journal_abbrev            'To be Published' 
_citation.journal_volume            ? 
_citation.page_first                ? 
_citation.page_last                 ? 
_citation.year                      ? 
_citation.journal_id_ASTM           ? 
_citation.country                   ? 
_citation.journal_id_ISSN           ? 
_citation.journal_id_CSD            0353 
_citation.book_publisher            ? 
_citation.pdbx_database_id_PubMed   ? 
_citation.pdbx_database_id_DOI      ? 
# 
loop_
_citation_author.citation_id 
_citation_author.name 
_citation_author.ordinal 
_citation_author.identifier_ORCID 
primary 'Yang, J.'     1 ? 
primary 'Faulk, T.'    2 ? 
primary 'Aster, R.'    3 ? 
primary 'Visentin, G.' 4 ? 
primary 'Edwards, B.'  5 ? 
primary 'Castor, C.'   6 ? 
# 
loop_
_entity.id 
_entity.type 
_entity.src_method 
_entity.pdbx_description 
_entity.formula_weight 
_entity.pdbx_number_of_molecules 
_entity.pdbx_ec 
_entity.pdbx_mutation 
_entity.pdbx_fragment 
_entity.details 
1 polymer     nat 'CONNECTIVE TISSUE ACTIVATING PEPTIDE-III' 9307.773 1   ? ? ? 
'PLATELET BASIC PROTEIN N-TERMINAL TRUNCATION PRODUCT' 
2 non-polymer syn 'ETHANESULFONIC ACID'                      110.132  3   ? ? ? ? 
3 water       nat water                                      18.015   133 ? ? ? ? 
# 
_entity_name_com.entity_id   1 
_entity_name_com.name        CTAP-III 
# 
_entity_poly.entity_id                      1 
_entity_poly.type                           'polypeptide(L)' 
_entity_poly.nstd_linkage                   no 
_entity_poly.nstd_monomer                   no 
_entity_poly.pdbx_seq_one_letter_code       
;NLAKGKEESLDSDLYAELRCMCIKTTSGIHPKNIQSLEVIGKGTHCNQVEVIATLKDGRKICLDPDAPRIKKIVQKKLAG
DESAD
;
_entity_poly.pdbx_seq_one_letter_code_can   
;NLAKGKEESLDSDLYAELRCMCIKTTSGIHPKNIQSLEVIGKGTHCNQVEVIATLKDGRKICLDPDAPRIKKIVQKKLAG
DESAD
;
_entity_poly.pdbx_strand_id                 A 
_entity_poly.pdbx_target_identifier         ? 
# 
loop_
_pdbx_entity_nonpoly.entity_id 
_pdbx_entity_nonpoly.name 
_pdbx_entity_nonpoly.comp_id 
2 'ETHANESULFONIC ACID' ESA 
3 water                 HOH 
# 
loop_
_entity_poly_seq.entity_id 
_entity_poly_seq.num 
_entity_poly_seq.mon_id 
_entity_poly_seq.hetero 
1 1  ASN n 
1 2  LEU n 
1 3  ALA n 
1 4  LYS n 
1 5  GLY n 
1 6  LYS n 
1 7  GLU n 
1 8  GLU n 
1 9  SER n 
1 10 LEU n 
1 11 ASP n 
1 12 SER n 
1 13 ASP n 
1 14 LEU n 
1 15 TYR n 
1 16 ALA n 
1 17 GLU n 
1 18 LEU n 
1 19 ARG n 
1 20 CYS n 
1 21 MET n 
1 22 CYS n 
1 23 ILE n 
1 24 LYS n 
1 25 THR n 
1 26 THR n 
1 27 SER n 
1 28 GLY n 
1 29 ILE n 
1 30 HIS n 
1 31 PRO n 
1 32 LYS n 
1 33 ASN n 
1 34 ILE n 
1 35 GLN n 
1 36 SER n 
1 37 LEU n 
1 38 GLU n 
1 39 VAL n 
1 40 ILE n 
1 41 GLY n 
1 42 LYS n 
1 43 GLY n 
1 44 THR n 
1 45 HIS n 
1 46 CYS n 
1 47 ASN n 
1 48 GLN n 
1 49 VAL n 
1 50 GLU n 
1 51 VAL n 
1 52 ILE n 
1 53 ALA n 
1 54 THR n 
1 55 LEU n 
1 56 LYS n 
1 57 ASP n 
1 58 GLY n 
1 59 ARG n 
1 60 LYS n 
1 61 ILE n 
1 62 CYS n 
1 63 LEU n 
1 64 ASP n 
1 65 PRO n 
1 66 ASP n 
1 67 ALA n 
1 68 PRO n 
1 69 ARG n 
1 70 ILE n 
1 71 LYS n 
1 72 LYS n 
1 73 ILE n 
1 74 VAL n 
1 75 GLN n 
1 76 LYS n 
1 77 LYS n 
1 78 LEU n 
1 79 ALA n 
1 80 GLY n 
1 81 ASP n 
1 82 GLU n 
1 83 SER n 
1 84 ALA n 
1 85 ASP n 
# 
_entity_src_nat.entity_id                  1 
_entity_src_nat.pdbx_src_id                1 
_entity_src_nat.pdbx_alt_source_flag       sample 
_entity_src_nat.pdbx_beg_seq_num           ? 
_entity_src_nat.pdbx_end_seq_num           ? 
_entity_src_nat.common_name                human 
_entity_src_nat.pdbx_organism_scientific   'Homo sapiens' 
_entity_src_nat.pdbx_ncbi_taxonomy_id      9606 
_entity_src_nat.genus                      Homo 
_entity_src_nat.species                    ? 
_entity_src_nat.strain                     ? 
_entity_src_nat.tissue                     ? 
_entity_src_nat.tissue_fraction            ? 
_entity_src_nat.pdbx_secretion             ? 
_entity_src_nat.pdbx_fragment              ? 
_entity_src_nat.pdbx_variant               ? 
_entity_src_nat.pdbx_cell_line             ? 
_entity_src_nat.pdbx_atcc                  ? 
_entity_src_nat.pdbx_cellular_location     ? 
_entity_src_nat.pdbx_organ                 ? 
_entity_src_nat.pdbx_organelle             ? 
_entity_src_nat.pdbx_cell                  PLATELETS 
_entity_src_nat.pdbx_plasmid_name          ? 
_entity_src_nat.pdbx_plasmid_details       ? 
_entity_src_nat.details                    ? 
# 
loop_
_chem_comp.id 
_chem_comp.type 
_chem_comp.mon_nstd_flag 
_chem_comp.name 
_chem_comp.pdbx_synonyms 
_chem_comp.formula 
_chem_comp.formula_weight 
ALA 'L-peptide linking' y ALANINE               ? 'C3 H7 N O2'     89.093  
ARG 'L-peptide linking' y ARGININE              ? 'C6 H15 N4 O2 1' 175.209 
ASN 'L-peptide linking' y ASPARAGINE            ? 'C4 H8 N2 O3'    132.118 
ASP 'L-peptide linking' y 'ASPARTIC ACID'       ? 'C4 H7 N O4'     133.103 
CYS 'L-peptide linking' y CYSTEINE              ? 'C3 H7 N O2 S'   121.158 
ESA non-polymer         . 'ETHANESULFONIC ACID' ? 'C2 H6 O3 S'     110.132 
GLN 'L-peptide linking' y GLUTAMINE             ? 'C5 H10 N2 O3'   146.144 
GLU 'L-peptide linking' y 'GLUTAMIC ACID'       ? 'C5 H9 N O4'     147.129 
GLY 'peptide linking'   y GLYCINE               ? 'C2 H5 N O2'     75.067  
HIS 'L-peptide linking' y HISTIDINE             ? 'C6 H10 N3 O2 1' 156.162 
HOH non-polymer         . WATER                 ? 'H2 O'           18.015  
ILE 'L-peptide linking' y ISOLEUCINE            ? 'C6 H13 N O2'    131.173 
LEU 'L-peptide linking' y LEUCINE               ? 'C6 H13 N O2'    131.173 
LYS 'L-peptide linking' y LYSINE                ? 'C6 H15 N2 O2 1' 147.195 
MET 'L-peptide linking' y METHIONINE            ? 'C5 H11 N O2 S'  149.211 
PRO 'L-peptide linking' y PROLINE               ? 'C5 H9 N O2'     115.130 
SER 'L-peptide linking' y SERINE                ? 'C3 H7 N O3'     105.093 
THR 'L-peptide linking' y THREONINE             ? 'C4 H9 N O3'     119.119 
TYR 'L-peptide linking' y TYROSINE              ? 'C9 H11 N O3'    181.189 
VAL 'L-peptide linking' y VALINE                ? 'C5 H11 N O2'    117.146 
# 
loop_
_pdbx_poly_seq_scheme.asym_id 
_pdbx_poly_seq_scheme.entity_id 
_pdbx_poly_seq_scheme.seq_id 
_pdbx_poly_seq_scheme.mon_id 
_pdbx_poly_seq_scheme.ndb_seq_num 
_pdbx_poly_seq_scheme.pdb_seq_num 
_pdbx_poly_seq_scheme.auth_seq_num 
_pdbx_poly_seq_scheme.pdb_mon_id 
_pdbx_poly_seq_scheme.auth_mon_id 
_pdbx_poly_seq_scheme.pdb_strand_id 
_pdbx_poly_seq_scheme.pdb_ins_code 
_pdbx_poly_seq_scheme.hetero 
A 1 1  ASN 1  6  6  ASN ASN A . n 
A 1 2  LEU 2  7  7  LEU LEU A . n 
A 1 3  ALA 3  8  8  ALA ALA A . n 
A 1 4  LYS 4  9  9  LYS LYS A . n 
A 1 5  GLY 5  10 10 GLY GLY A . n 
A 1 6  LYS 6  11 11 LYS LYS A . n 
A 1 7  GLU 7  12 12 GLU GLU A . n 
A 1 8  GLU 8  13 13 GLU GLU A . n 
A 1 9  SER 9  14 14 SER SER A . n 
A 1 10 LEU 10 15 15 LEU LEU A . n 
A 1 11 ASP 11 16 16 ASP ASP A . n 
A 1 12 SER 12 17 17 SER SER A . n 
A 1 13 ASP 13 18 18 ASP ASP A . n 
A 1 14 LEU 14 19 19 LEU LEU A . n 
A 1 15 TYR 15 20 20 TYR TYR A . n 
A 1 16 ALA 16 21 21 ALA ALA A . n 
A 1 17 GLU 17 22 22 GLU GLU A . n 
A 1 18 LEU 18 23 23 LEU LEU A . n 
A 1 19 ARG 19 24 24 ARG ARG A . n 
A 1 20 CYS 20 25 25 CYS CYS A . n 
A 1 21 MET 21 26 26 MET MET A . n 
A 1 22 CYS 22 27 27 CYS CYS A . n 
A 1 23 ILE 23 28 28 ILE ILE A . n 
A 1 24 LYS 24 29 29 LYS LYS A . n 
A 1 25 THR 25 30 30 THR THR A . n 
A 1 26 THR 26 31 31 THR THR A . n 
A 1 27 SER 27 32 32 SER SER A . n 
A 1 28 GLY 28 33 33 GLY GLY A . n 
A 1 29 ILE 29 34 34 ILE ILE A . n 
A 1 30 HIS 30 35 35 HIS HIS A . n 
A 1 31 PRO 31 36 36 PRO PRO A . n 
A 1 32 LYS 32 37 37 LYS LYS A . n 
A 1 33 ASN 33 38 38 ASN ASN A . n 
A 1 34 ILE 34 39 39 ILE ILE A . n 
A 1 35 GLN 35 40 40 GLN GLN A . n 
A 1 36 SER 36 41 41 SER SER A . n 
A 1 37 LEU 37 42 42 LEU LEU A . n 
A 1 38 GLU 38 43 43 GLU GLU A . n 
A 1 39 VAL 39 44 44 VAL VAL A . n 
A 1 40 ILE 40 45 45 ILE ILE A . n 
A 1 41 GLY 41 46 46 GLY GLY A . n 
A 1 42 LYS 42 47 47 LYS LYS A . n 
A 1 43 GLY 43 48 48 GLY GLY A . n 
A 1 44 THR 44 49 49 THR THR A . n 
A 1 45 HIS 45 50 50 HIS HIS A . n 
A 1 46 CYS 46 51 51 CYS CYS A . n 
A 1 47 ASN 47 52 52 ASN ASN A . n 
A 1 48 GLN 48 53 53 GLN GLN A . n 
A 1 49 VAL 49 54 54 VAL VAL A . n 
A 1 50 GLU 50 55 55 GLU GLU A . n 
A 1 51 VAL 51 56 56 VAL VAL A . n 
A 1 52 ILE 52 57 57 ILE ILE A . n 
A 1 53 ALA 53 58 58 ALA ALA A . n 
A 1 54 THR 54 59 59 THR THR A . n 
A 1 55 LEU 55 60 60 LEU LEU A . n 
A 1 56 LYS 56 61 61 LYS LYS A . n 
A 1 57 ASP 57 62 62 ASP ASP A . n 
A 1 58 GLY 58 63 63 GLY GLY A . n 
A 1 59 ARG 59 64 64 ARG ARG A . n 
A 1 60 LYS 60 65 65 LYS LYS A . n 
A 1 61 ILE 61 66 66 ILE ILE A . n 
A 1 62 CYS 62 67 67 CYS CYS A . n 
A 1 63 LEU 63 68 68 LEU LEU A . n 
A 1 64 ASP 64 69 69 ASP ASP A . n 
A 1 65 PRO 65 70 70 PRO PRO A . n 
A 1 66 ASP 66 71 71 ASP ASP A . n 
A 1 67 ALA 67 72 72 ALA ALA A . n 
A 1 68 PRO 68 73 73 PRO PRO A . n 
A 1 69 ARG 69 74 74 ARG ARG A . n 
A 1 70 ILE 70 75 75 ILE ILE A . n 
A 1 71 LYS 71 76 76 LYS LYS A . n 
A 1 72 LYS 72 77 77 LYS LYS A . n 
A 1 73 ILE 73 78 78 ILE ILE A . n 
A 1 74 VAL 74 79 79 VAL VAL A . n 
A 1 75 GLN 75 80 80 GLN GLN A . n 
A 1 76 LYS 76 81 81 LYS LYS A . n 
A 1 77 LYS 77 82 82 LYS LYS A . n 
A 1 78 LEU 78 83 83 LEU LEU A . n 
A 1 79 ALA 79 84 84 ALA ALA A . n 
A 1 80 GLY 80 85 85 GLY GLY A . n 
A 1 81 ASP 81 86 86 ASP ASP A . n 
A 1 82 GLU 82 87 ?  ?   ?   A . n 
A 1 83 SER 83 88 ?  ?   ?   A . n 
A 1 84 ALA 84 89 ?  ?   ?   A . n 
A 1 85 ASP 85 90 ?  ?   ?   A . n 
# 
loop_
_pdbx_nonpoly_scheme.asym_id 
_pdbx_nonpoly_scheme.entity_id 
_pdbx_nonpoly_scheme.mon_id 
_pdbx_nonpoly_scheme.ndb_seq_num 
_pdbx_nonpoly_scheme.pdb_seq_num 
_pdbx_nonpoly_scheme.auth_seq_num 
_pdbx_nonpoly_scheme.pdb_mon_id 
_pdbx_nonpoly_scheme.auth_mon_id 
_pdbx_nonpoly_scheme.pdb_strand_id 
_pdbx_nonpoly_scheme.pdb_ins_code 
B 2 ESA 1   101 101 ESA PVS A . 
C 2 ESA 1   102 102 ESA PVS A . 
D 2 ESA 1   103 103 ESA PVS A . 
E 3 HOH 1   200 200 HOH HOH A . 
E 3 HOH 2   201 201 HOH HOH A . 
E 3 HOH 3   202 202 HOH HOH A . 
E 3 HOH 4   204 204 HOH HOH A . 
E 3 HOH 5   205 205 HOH HOH A . 
E 3 HOH 6   206 206 HOH HOH A . 
E 3 HOH 7   207 207 HOH HOH A . 
E 3 HOH 8   209 209 HOH HOH A . 
E 3 HOH 9   210 210 HOH HOH A . 
E 3 HOH 10  211 211 HOH HOH A . 
E 3 HOH 11  212 212 HOH HOH A . 
E 3 HOH 12  213 213 HOH HOH A . 
E 3 HOH 13  214 214 HOH HOH A . 
E 3 HOH 14  215 215 HOH HOH A . 
E 3 HOH 15  216 216 HOH HOH A . 
E 3 HOH 16  217 217 HOH HOH A . 
E 3 HOH 17  218 218 HOH HOH A . 
E 3 HOH 18  219 219 HOH HOH A . 
E 3 HOH 19  220 220 HOH HOH A . 
E 3 HOH 20  221 221 HOH HOH A . 
E 3 HOH 21  222 222 HOH HOH A . 
E 3 HOH 22  223 223 HOH HOH A . 
E 3 HOH 23  224 224 HOH HOH A . 
E 3 HOH 24  225 225 HOH HOH A . 
E 3 HOH 25  227 227 HOH HOH A . 
E 3 HOH 26  228 228 HOH HOH A . 
E 3 HOH 27  230 230 HOH HOH A . 
E 3 HOH 28  231 231 HOH HOH A . 
E 3 HOH 29  232 232 HOH HOH A . 
E 3 HOH 30  233 233 HOH HOH A . 
E 3 HOH 31  236 236 HOH HOH A . 
E 3 HOH 32  237 237 HOH HOH A . 
E 3 HOH 33  238 238 HOH HOH A . 
E 3 HOH 34  239 239 HOH HOH A . 
E 3 HOH 35  240 240 HOH HOH A . 
E 3 HOH 36  241 241 HOH HOH A . 
E 3 HOH 37  242 242 HOH HOH A . 
E 3 HOH 38  243 243 HOH HOH A . 
E 3 HOH 39  245 245 HOH HOH A . 
E 3 HOH 40  246 246 HOH HOH A . 
E 3 HOH 41  247 247 HOH HOH A . 
E 3 HOH 42  248 248 HOH HOH A . 
E 3 HOH 43  250 250 HOH HOH A . 
E 3 HOH 44  252 252 HOH HOH A . 
E 3 HOH 45  253 253 HOH HOH A . 
E 3 HOH 46  254 254 HOH HOH A . 
E 3 HOH 47  255 255 HOH HOH A . 
E 3 HOH 48  256 256 HOH HOH A . 
E 3 HOH 49  257 257 HOH HOH A . 
E 3 HOH 50  259 259 HOH HOH A . 
E 3 HOH 51  260 260 HOH HOH A . 
E 3 HOH 52  261 261 HOH HOH A . 
E 3 HOH 53  262 262 HOH HOH A . 
E 3 HOH 54  263 263 HOH HOH A . 
E 3 HOH 55  265 265 HOH HOH A . 
E 3 HOH 56  266 266 HOH HOH A . 
E 3 HOH 57  267 267 HOH HOH A . 
E 3 HOH 58  268 268 HOH HOH A . 
E 3 HOH 59  270 270 HOH HOH A . 
E 3 HOH 60  272 272 HOH HOH A . 
E 3 HOH 61  274 274 HOH HOH A . 
E 3 HOH 62  275 275 HOH HOH A . 
E 3 HOH 63  277 277 HOH HOH A . 
E 3 HOH 64  278 278 HOH HOH A . 
E 3 HOH 65  279 279 HOH HOH A . 
E 3 HOH 66  280 280 HOH HOH A . 
E 3 HOH 67  282 282 HOH HOH A . 
E 3 HOH 68  283 283 HOH HOH A . 
E 3 HOH 69  284 284 HOH HOH A . 
E 3 HOH 70  285 285 HOH HOH A . 
E 3 HOH 71  286 286 HOH HOH A . 
E 3 HOH 72  287 287 HOH HOH A . 
E 3 HOH 73  289 289 HOH HOH A . 
E 3 HOH 74  291 291 HOH HOH A . 
E 3 HOH 75  293 293 HOH HOH A . 
E 3 HOH 76  294 294 HOH HOH A . 
E 3 HOH 77  295 295 HOH HOH A . 
E 3 HOH 78  296 296 HOH HOH A . 
E 3 HOH 79  297 297 HOH HOH A . 
E 3 HOH 80  298 298 HOH HOH A . 
E 3 HOH 81  301 301 HOH HOH A . 
E 3 HOH 82  302 302 HOH HOH A . 
E 3 HOH 83  303 303 HOH HOH A . 
E 3 HOH 84  304 304 HOH HOH A . 
E 3 HOH 85  305 305 HOH HOH A . 
E 3 HOH 86  306 306 HOH HOH A . 
E 3 HOH 87  307 307 HOH HOH A . 
E 3 HOH 88  308 308 HOH HOH A . 
E 3 HOH 89  309 309 HOH HOH A . 
E 3 HOH 90  310 310 HOH HOH A . 
E 3 HOH 91  311 311 HOH HOH A . 
E 3 HOH 92  312 312 HOH HOH A . 
E 3 HOH 93  313 313 HOH HOH A . 
E 3 HOH 94  314 314 HOH HOH A . 
E 3 HOH 95  315 315 HOH HOH A . 
E 3 HOH 96  316 316 HOH HOH A . 
E 3 HOH 97  318 318 HOH HOH A . 
E 3 HOH 98  319 319 HOH HOH A . 
E 3 HOH 99  320 320 HOH HOH A . 
E 3 HOH 100 321 321 HOH HOH A . 
E 3 HOH 101 322 322 HOH HOH A . 
E 3 HOH 102 323 323 HOH HOH A . 
E 3 HOH 103 324 324 HOH HOH A . 
E 3 HOH 104 325 325 HOH HOH A . 
E 3 HOH 105 326 326 HOH HOH A . 
E 3 HOH 106 327 327 HOH HOH A . 
E 3 HOH 107 328 328 HOH HOH A . 
E 3 HOH 108 329 329 HOH HOH A . 
E 3 HOH 109 330 330 HOH HOH A . 
E 3 HOH 110 331 331 HOH HOH A . 
E 3 HOH 111 332 332 HOH HOH A . 
E 3 HOH 112 333 333 HOH HOH A . 
E 3 HOH 113 335 335 HOH HOH A . 
E 3 HOH 114 336 336 HOH HOH A . 
E 3 HOH 115 337 337 HOH HOH A . 
E 3 HOH 116 338 338 HOH HOH A . 
E 3 HOH 117 339 339 HOH HOH A . 
E 3 HOH 118 340 340 HOH HOH A . 
E 3 HOH 119 341 341 HOH HOH A . 
E 3 HOH 120 342 342 HOH HOH A . 
E 3 HOH 121 343 343 HOH HOH A . 
E 3 HOH 122 344 344 HOH HOH A . 
E 3 HOH 123 345 345 HOH HOH A . 
E 3 HOH 124 346 346 HOH HOH A . 
E 3 HOH 125 347 347 HOH HOH A . 
E 3 HOH 126 348 348 HOH HOH A . 
E 3 HOH 127 349 349 HOH HOH A . 
E 3 HOH 128 350 350 HOH HOH A . 
E 3 HOH 129 351 351 HOH HOH A . 
E 3 HOH 130 352 352 HOH HOH A . 
E 3 HOH 131 353 353 HOH HOH A . 
E 3 HOH 132 360 360 HOH HOH A . 
E 3 HOH 133 366 366 HOH HOH A . 
# 
loop_
_software.name 
_software.classification 
_software.version 
_software.citation_id 
_software.pdbx_ordinal 
SCALEPACK 'data scaling' .   ? 1 
EPMR      phasing        .   ? 2 
CNS       refinement     0.4 ? 3 
# 
_cell.entry_id           1F9P 
_cell.length_a           54.700 
_cell.length_b           54.700 
_cell.length_c           58.290 
_cell.angle_alpha        90.00 
_cell.angle_beta         90.00 
_cell.angle_gamma        90.00 
_cell.Z_PDB              8 
_cell.pdbx_unique_axis   ? 
# 
_symmetry.entry_id                         1F9P 
_symmetry.space_group_name_H-M             'P 43 21 2' 
_symmetry.pdbx_full_space_group_name_H-M   ? 
_symmetry.cell_setting                     ? 
_symmetry.Int_Tables_number                96 
# 
_exptl.entry_id          1F9P 
_exptl.method            'X-RAY DIFFRACTION' 
_exptl.crystals_number   1 
# 
_exptl_crystal.id                    1 
_exptl_crystal.density_meas          ? 
_exptl_crystal.density_percent_sol   47.47 
_exptl_crystal.density_Matthews      2.34 
_exptl_crystal.description           ? 
# 
_exptl_crystal_grow.crystal_id      1 
_exptl_crystal_grow.method          'VAPOR DIFFUSION, HANGING DROP' 
_exptl_crystal_grow.pH              4.0 
_exptl_crystal_grow.temp            296 
_exptl_crystal_grow.temp_details    ? 
_exptl_crystal_grow.pdbx_details    'PEG 1000, sodium acetate, pH 4.0, VAPOR DIFFUSION, HANGING DROP, temperature 296K' 
_exptl_crystal_grow.pdbx_pH_range   ? 
# 
_diffrn.id                     1 
_diffrn.ambient_temp           100 
_diffrn.ambient_temp_details   ? 
_diffrn.crystal_id             1 
# 
_diffrn_detector.diffrn_id              1 
_diffrn_detector.detector               'IMAGE PLATE' 
_diffrn_detector.type                   'RIGAKU RAXIS IV' 
_diffrn_detector.pdbx_collection_date   1999-09-01 
_diffrn_detector.details                ? 
# 
_diffrn_radiation.diffrn_id                        1 
_diffrn_radiation.wavelength_id                    1 
_diffrn_radiation.monochromator                    ? 
_diffrn_radiation.pdbx_monochromatic_or_laue_m_l   M 
_diffrn_radiation.pdbx_diffrn_protocol             'SINGLE WAVELENGTH' 
_diffrn_radiation.pdbx_scattering_type             x-ray 
# 
_diffrn_radiation_wavelength.id           1 
_diffrn_radiation_wavelength.wavelength   1.5418 
_diffrn_radiation_wavelength.wt           1.0 
# 
_diffrn_source.diffrn_id                   1 
_diffrn_source.source                      'ROTATING ANODE' 
_diffrn_source.type                        'RIGAKU RU200' 
_diffrn_source.pdbx_wavelength             1.5418 
_diffrn_source.pdbx_synchrotron_site       ? 
_diffrn_source.pdbx_synchrotron_beamline   ? 
_diffrn_source.pdbx_wavelength_list        ? 
# 
_reflns.entry_id                     1F9P 
_reflns.observed_criterion_sigma_I   1.0 
_reflns.observed_criterion_sigma_F   ? 
_reflns.d_resolution_low             50.0 
_reflns.d_resolution_high            1.93 
_reflns.number_obs                   7080 
_reflns.number_all                   7080 
_reflns.percent_possible_obs         99.6 
_reflns.pdbx_Rmerge_I_obs            0.063 
_reflns.pdbx_Rsym_value              ? 
_reflns.pdbx_netI_over_sigmaI        47.8 
_reflns.B_iso_Wilson_estimate        41.9 
_reflns.pdbx_redundancy              15 
_reflns.R_free_details               ? 
_reflns.limit_h_max                  ? 
_reflns.limit_h_min                  ? 
_reflns.limit_k_max                  ? 
_reflns.limit_k_min                  ? 
_reflns.limit_l_max                  ? 
_reflns.limit_l_min                  ? 
_reflns.observed_criterion_F_max     ? 
_reflns.observed_criterion_F_min     ? 
_reflns.pdbx_diffrn_id               1 
_reflns.pdbx_ordinal                 1 
# 
_reflns_shell.d_res_high             1.93 
_reflns_shell.d_res_low              2.00 
_reflns_shell.percent_possible_obs   ? 
_reflns_shell.percent_possible_all   97.5 
_reflns_shell.Rmerge_I_obs           ? 
_reflns_shell.meanI_over_sigI_obs    ? 
_reflns_shell.pdbx_Rsym_value        ? 
_reflns_shell.pdbx_redundancy        10 
_reflns_shell.number_unique_all      670 
_reflns_shell.pdbx_diffrn_id         ? 
_reflns_shell.pdbx_ordinal           1 
# 
_refine.entry_id                                 1F9P 
_refine.ls_number_reflns_obs                     6734 
_refine.ls_number_reflns_all                     6734 
_refine.pdbx_ls_sigma_I                          0.0 
_refine.pdbx_ls_sigma_F                          0.0 
_refine.pdbx_data_cutoff_high_absF               585333.24 
_refine.pdbx_data_cutoff_low_absF                0.00 
_refine.ls_d_res_low                             15.00 
_refine.ls_d_res_high                            1.93 
_refine.ls_percent_reflns_obs                    95.3 
_refine.ls_R_factor_obs                          0.232 
_refine.ls_R_factor_all                          ? 
_refine.ls_R_factor_R_work                       0.232 
_refine.ls_R_factor_R_free                       0.272 
_refine.ls_R_factor_R_free_error                 0.010 
_refine.ls_R_factor_R_free_error_details         ? 
_refine.ls_percent_reflns_R_free                 10.9 
_refine.ls_number_reflns_R_free                  735 
_refine.ls_number_parameters                     ? 
_refine.ls_number_restraints                     ? 
_refine.occupancy_min                            ? 
_refine.occupancy_max                            ? 
_refine.B_iso_mean                               54.8 
_refine.aniso_B[1][1]                            3.84 
_refine.aniso_B[2][2]                            3.84 
_refine.aniso_B[3][3]                            -7.68 
_refine.aniso_B[1][2]                            0.00 
_refine.aniso_B[1][3]                            0.00 
_refine.aniso_B[2][3]                            0.00 
_refine.solvent_model_details                    'FLAT MODEL' 
_refine.solvent_model_param_ksol                 0.315 
_refine.solvent_model_param_bsol                 93.96 
_refine.pdbx_ls_cross_valid_method               THROUGHOUT 
_refine.details                                  ? 
_refine.pdbx_starting_model                      ? 
_refine.pdbx_method_to_determine_struct          ? 
_refine.pdbx_isotropic_thermal_model             RESTRAINED 
_refine.pdbx_stereochemistry_target_values       'Engh & Huber' 
_refine.pdbx_stereochem_target_val_spec_case     ? 
_refine.pdbx_R_Free_selection_details            RANDOM 
_refine.pdbx_overall_ESU_R_Free                  ? 
_refine.overall_SU_B                             ? 
_refine.ls_redundancy_reflns_obs                 ? 
_refine.B_iso_min                                ? 
_refine.B_iso_max                                ? 
_refine.overall_SU_ML                            ? 
_refine.pdbx_overall_ESU_R                       ? 
_refine.pdbx_data_cutoff_high_rms_absF           ? 
_refine.correlation_coeff_Fo_to_Fc               ? 
_refine.correlation_coeff_Fo_to_Fc_free          ? 
_refine.pdbx_solvent_vdw_probe_radii             ? 
_refine.pdbx_solvent_ion_probe_radii             ? 
_refine.pdbx_solvent_shrinkage_radii             ? 
_refine.overall_SU_R_Cruickshank_DPI             ? 
_refine.overall_SU_R_free                        ? 
_refine.pdbx_refine_id                           'X-RAY DIFFRACTION' 
_refine.pdbx_diffrn_id                           1 
_refine.pdbx_TLS_residual_ADP_flag               ? 
_refine.pdbx_overall_phase_error                 ? 
_refine.pdbx_overall_SU_R_free_Cruickshank_DPI   ? 
_refine.pdbx_overall_SU_R_Blow_DPI               ? 
_refine.pdbx_overall_SU_R_free_Blow_DPI          ? 
# 
_refine_analyze.entry_id                        1F9P 
_refine_analyze.Luzzati_coordinate_error_obs    0.26 
_refine_analyze.Luzzati_sigma_a_obs             0.24 
_refine_analyze.Luzzati_d_res_low_obs           15.00 
_refine_analyze.Luzzati_coordinate_error_free   0.33 
_refine_analyze.Luzzati_sigma_a_free            0.31 
_refine_analyze.Luzzati_d_res_low_free          ? 
_refine_analyze.number_disordered_residues      ? 
_refine_analyze.occupancy_sum_hydrogen          ? 
_refine_analyze.occupancy_sum_non_hydrogen      ? 
_refine_analyze.pdbx_Luzzati_d_res_high_obs     ? 
_refine_analyze.pdbx_refine_id                  'X-RAY DIFFRACTION' 
# 
_refine_hist.pdbx_refine_id                   'X-RAY DIFFRACTION' 
_refine_hist.cycle_id                         LAST 
_refine_hist.pdbx_number_atoms_protein        618 
_refine_hist.pdbx_number_atoms_nucleic_acid   0 
_refine_hist.pdbx_number_atoms_ligand         18 
_refine_hist.number_atoms_solvent             133 
_refine_hist.number_atoms_total               769 
_refine_hist.d_res_high                       1.93 
_refine_hist.d_res_low                        15.00 
# 
loop_
_refine_ls_restr.type 
_refine_ls_restr.dev_ideal 
_refine_ls_restr.dev_ideal_target 
_refine_ls_restr.weight 
_refine_ls_restr.number 
_refine_ls_restr.pdbx_refine_id 
_refine_ls_restr.pdbx_restraint_function 
c_bond_d           0.008 ?    ? ? 'X-RAY DIFFRACTION' ? 
c_angle_deg        1.4   ?    ? ? 'X-RAY DIFFRACTION' ? 
c_dihedral_angle_d 23.6  ?    ? ? 'X-RAY DIFFRACTION' ? 
c_improper_angle_d 0.99  ?    ? ? 'X-RAY DIFFRACTION' ? 
c_mcbond_it        1.58  1.50 ? ? 'X-RAY DIFFRACTION' ? 
c_mcangle_it       2.72  2.00 ? ? 'X-RAY DIFFRACTION' ? 
c_scbond_it        1.86  2.00 ? ? 'X-RAY DIFFRACTION' ? 
c_scangle_it       3.02  2.50 ? ? 'X-RAY DIFFRACTION' ? 
# 
_refine_ls_shell.pdbx_total_number_of_bins_used   6 
_refine_ls_shell.d_res_high                       1.93 
_refine_ls_shell.d_res_low                        2.05 
_refine_ls_shell.number_reflns_R_work             819 
_refine_ls_shell.R_factor_R_work                  0.378 
_refine_ls_shell.percent_reflns_obs               79.5 
_refine_ls_shell.R_factor_R_free                  0.402 
_refine_ls_shell.R_factor_R_free_error            0.041 
_refine_ls_shell.percent_reflns_R_free            10.4 
_refine_ls_shell.number_reflns_R_free             95 
_refine_ls_shell.redundancy_reflns_obs            ? 
_refine_ls_shell.number_reflns_all                ? 
_refine_ls_shell.number_reflns_obs                ? 
_refine_ls_shell.pdbx_refine_id                   'X-RAY DIFFRACTION' 
_refine_ls_shell.R_factor_all                     ? 
# 
loop_
_pdbx_xplor_file.serial_no 
_pdbx_xplor_file.param_file 
_pdbx_xplor_file.topol_file 
_pdbx_xplor_file.pdbx_refine_id 
1 PROTEIN_REP.PARAM PROTEIN.TOP 'X-RAY DIFFRACTION' 
2 WATER_REP.PARAM   WATER.TOP   'X-RAY DIFFRACTION' 
3 PVSA.PARAM        PVSA.TOP    'X-RAY DIFFRACTION' 
# 
_struct.entry_id                  1F9P 
_struct.title                     
'CRYSTAL STRUCTURE OF CONNECTIVE TISSUE ACTIVATING PEPTIDE-III(CTAP-III) COMPLEXED WITH POLYVINYLSULFONIC ACID' 
_struct.pdbx_model_details        ? 
_struct.pdbx_CASP_flag            ? 
_struct.pdbx_model_type_details   ? 
# 
_struct_keywords.entry_id        1F9P 
_struct_keywords.pdbx_keywords   'BLOOD CLOTTING' 
_struct_keywords.text            'chemokine-heparin analog complex, BLOOD CLOTTING' 
# 
loop_
_struct_asym.id 
_struct_asym.pdbx_blank_PDB_chainid_flag 
_struct_asym.pdbx_modified 
_struct_asym.entity_id 
_struct_asym.details 
A N N 1 ? 
B N N 2 ? 
C N N 2 ? 
D N N 2 ? 
E N N 3 ? 
# 
_struct_ref.id                         1 
_struct_ref.db_code                    PF4L_HUMAN 
_struct_ref.db_name                    UNP 
_struct_ref.entity_id                  1 
_struct_ref.pdbx_db_accession          P02775 
_struct_ref.pdbx_align_begin           ? 
_struct_ref.pdbx_seq_one_letter_code   ? 
_struct_ref.pdbx_db_isoform            ? 
# 
_struct_ref_seq.align_id                      1 
_struct_ref_seq.ref_id                        1 
_struct_ref_seq.pdbx_PDB_id_code              1F9P 
_struct_ref_seq.pdbx_strand_id                A 
_struct_ref_seq.seq_align_beg                 1 
_struct_ref_seq.pdbx_seq_align_beg_ins_code   ? 
_struct_ref_seq.seq_align_end                 85 
_struct_ref_seq.pdbx_seq_align_end_ins_code   ? 
_struct_ref_seq.pdbx_db_accession             P02775 
_struct_ref_seq.db_align_beg                  44 
_struct_ref_seq.pdbx_db_align_beg_ins_code    ? 
_struct_ref_seq.db_align_end                  128 
_struct_ref_seq.pdbx_db_align_end_ins_code    ? 
_struct_ref_seq.pdbx_auth_seq_align_beg       6 
_struct_ref_seq.pdbx_auth_seq_align_end       90 
# 
_pdbx_struct_assembly.id                   1 
_pdbx_struct_assembly.details              author_defined_assembly 
_pdbx_struct_assembly.method_details       ? 
_pdbx_struct_assembly.oligomeric_details   monomeric 
_pdbx_struct_assembly.oligomeric_count     1 
# 
_pdbx_struct_assembly_gen.assembly_id       1 
_pdbx_struct_assembly_gen.oper_expression   1 
_pdbx_struct_assembly_gen.asym_id_list      A,B,C,D,E 
# 
_pdbx_struct_oper_list.id                   1 
_pdbx_struct_oper_list.type                 'identity operation' 
_pdbx_struct_oper_list.name                 1_555 
_pdbx_struct_oper_list.symmetry_operation   x,y,z 
_pdbx_struct_oper_list.matrix[1][1]         1.0000000000 
_pdbx_struct_oper_list.matrix[1][2]         0.0000000000 
_pdbx_struct_oper_list.matrix[1][3]         0.0000000000 
_pdbx_struct_oper_list.vector[1]            0.0000000000 
_pdbx_struct_oper_list.matrix[2][1]         0.0000000000 
_pdbx_struct_oper_list.matrix[2][2]         1.0000000000 
_pdbx_struct_oper_list.matrix[2][3]         0.0000000000 
_pdbx_struct_oper_list.vector[2]            0.0000000000 
_pdbx_struct_oper_list.matrix[3][1]         0.0000000000 
_pdbx_struct_oper_list.matrix[3][2]         0.0000000000 
_pdbx_struct_oper_list.matrix[3][3]         1.0000000000 
_pdbx_struct_oper_list.vector[3]            0.0000000000 
# 
_struct_biol.id                    1 
_struct_biol.pdbx_parent_biol_id   ? 
_struct_biol.details               ? 
# 
loop_
_struct_conf.conf_type_id 
_struct_conf.id 
_struct_conf.pdbx_PDB_helix_id 
_struct_conf.beg_label_comp_id 
_struct_conf.beg_label_asym_id 
_struct_conf.beg_label_seq_id 
_struct_conf.pdbx_beg_PDB_ins_code 
_struct_conf.end_label_comp_id 
_struct_conf.end_label_asym_id 
_struct_conf.end_label_seq_id 
_struct_conf.pdbx_end_PDB_ins_code 
_struct_conf.beg_auth_comp_id 
_struct_conf.beg_auth_asym_id 
_struct_conf.beg_auth_seq_id 
_struct_conf.end_auth_comp_id 
_struct_conf.end_auth_asym_id 
_struct_conf.end_auth_seq_id 
_struct_conf.pdbx_PDB_helix_class 
_struct_conf.details 
_struct_conf.pdbx_PDB_helix_length 
HELX_P HELX_P1 1 LEU A 14 ? LEU A 18 ? LEU A 19 LEU A 23 5 ? 5  
HELX_P HELX_P2 2 HIS A 30 ? LYS A 32 ? HIS A 35 LYS A 37 5 ? 3  
HELX_P HELX_P3 3 ALA A 67 ? ALA A 79 ? ALA A 72 ALA A 84 1 ? 13 
# 
_struct_conf_type.id          HELX_P 
_struct_conf_type.criteria    ? 
_struct_conf_type.reference   ? 
# 
loop_
_struct_conn.id 
_struct_conn.conn_type_id 
_struct_conn.pdbx_leaving_atom_flag 
_struct_conn.pdbx_PDB_id 
_struct_conn.ptnr1_label_asym_id 
_struct_conn.ptnr1_label_comp_id 
_struct_conn.ptnr1_label_seq_id 
_struct_conn.ptnr1_label_atom_id 
_struct_conn.pdbx_ptnr1_label_alt_id 
_struct_conn.pdbx_ptnr1_PDB_ins_code 
_struct_conn.pdbx_ptnr1_standard_comp_id 
_struct_conn.ptnr1_symmetry 
_struct_conn.ptnr2_label_asym_id 
_struct_conn.ptnr2_label_comp_id 
_struct_conn.ptnr2_label_seq_id 
_struct_conn.ptnr2_label_atom_id 
_struct_conn.pdbx_ptnr2_label_alt_id 
_struct_conn.pdbx_ptnr2_PDB_ins_code 
_struct_conn.ptnr1_auth_asym_id 
_struct_conn.ptnr1_auth_comp_id 
_struct_conn.ptnr1_auth_seq_id 
_struct_conn.ptnr2_auth_asym_id 
_struct_conn.ptnr2_auth_comp_id 
_struct_conn.ptnr2_auth_seq_id 
_struct_conn.ptnr2_symmetry 
_struct_conn.pdbx_ptnr3_label_atom_id 
_struct_conn.pdbx_ptnr3_label_seq_id 
_struct_conn.pdbx_ptnr3_label_comp_id 
_struct_conn.pdbx_ptnr3_label_asym_id 
_struct_conn.pdbx_ptnr3_label_alt_id 
_struct_conn.pdbx_ptnr3_PDB_ins_code 
_struct_conn.details 
_struct_conn.pdbx_dist_value 
_struct_conn.pdbx_value_order 
_struct_conn.pdbx_role 
disulf1 disulf ?    ? A CYS 20 SG ? ? ? 1_555 A CYS 46 SG ? ? A CYS 25  A CYS 51  1_555 ? ? ? ? ? ? ? 2.035 ? ? 
disulf2 disulf ?    ? A CYS 22 SG ? ? ? 1_555 A CYS 62 SG ? ? A CYS 27  A CYS 67  1_555 ? ? ? ? ? ? ? 2.027 ? ? 
covale1 covale none ? B ESA .  C2 ? ? ? 1_555 C ESA .  C1 ? ? A ESA 101 A ESA 102 1_555 ? ? ? ? ? ? ? 1.535 ? ? 
covale2 covale none ? C ESA .  C2 ? ? ? 1_555 D ESA .  C1 ? ? A ESA 102 A ESA 103 1_555 ? ? ? ? ? ? ? 1.535 ? ? 
# 
loop_
_struct_conn_type.id 
_struct_conn_type.criteria 
_struct_conn_type.reference 
disulf ? ? 
covale ? ? 
# 
loop_
_pdbx_modification_feature.ordinal 
_pdbx_modification_feature.label_comp_id 
_pdbx_modification_feature.label_asym_id 
_pdbx_modification_feature.label_seq_id 
_pdbx_modification_feature.label_alt_id 
_pdbx_modification_feature.modified_residue_label_comp_id 
_pdbx_modification_feature.modified_residue_label_asym_id 
_pdbx_modification_feature.modified_residue_label_seq_id 
_pdbx_modification_feature.modified_residue_label_alt_id 
_pdbx_modification_feature.auth_comp_id 
_pdbx_modification_feature.auth_asym_id 
_pdbx_modification_feature.auth_seq_id 
_pdbx_modification_feature.PDB_ins_code 
_pdbx_modification_feature.symmetry 
_pdbx_modification_feature.modified_residue_auth_comp_id 
_pdbx_modification_feature.modified_residue_auth_asym_id 
_pdbx_modification_feature.modified_residue_auth_seq_id 
_pdbx_modification_feature.modified_residue_PDB_ins_code 
_pdbx_modification_feature.modified_residue_symmetry 
_pdbx_modification_feature.comp_id_linking_atom 
_pdbx_modification_feature.modified_residue_id_linking_atom 
_pdbx_modification_feature.modified_residue_id 
_pdbx_modification_feature.ref_pcm_id 
_pdbx_modification_feature.ref_comp_id 
_pdbx_modification_feature.type 
_pdbx_modification_feature.category 
1 CYS A 20 ? CYS A 46 ? CYS A 25 ? 1_555 CYS A 51 ? 1_555 SG SG . . . None 'Disulfide bridge' 
2 CYS A 22 ? CYS A 62 ? CYS A 27 ? 1_555 CYS A 67 ? 1_555 SG SG . . . None 'Disulfide bridge' 
# 
_struct_sheet.id               A 
_struct_sheet.type             ? 
_struct_sheet.number_strands   3 
_struct_sheet.details          ? 
# 
loop_
_struct_sheet_order.sheet_id 
_struct_sheet_order.range_id_1 
_struct_sheet_order.range_id_2 
_struct_sheet_order.offset 
_struct_sheet_order.sense 
A 1 2 ? anti-parallel 
A 2 3 ? anti-parallel 
# 
loop_
_struct_sheet_range.sheet_id 
_struct_sheet_range.id 
_struct_sheet_range.beg_label_comp_id 
_struct_sheet_range.beg_label_asym_id 
_struct_sheet_range.beg_label_seq_id 
_struct_sheet_range.pdbx_beg_PDB_ins_code 
_struct_sheet_range.end_label_comp_id 
_struct_sheet_range.end_label_asym_id 
_struct_sheet_range.end_label_seq_id 
_struct_sheet_range.pdbx_end_PDB_ins_code 
_struct_sheet_range.beg_auth_comp_id 
_struct_sheet_range.beg_auth_asym_id 
_struct_sheet_range.beg_auth_seq_id 
_struct_sheet_range.end_auth_comp_id 
_struct_sheet_range.end_auth_asym_id 
_struct_sheet_range.end_auth_seq_id 
A 1 ILE A 34 ? ILE A 40 ? ILE A 39 ILE A 45 
A 2 GLU A 50 ? LEU A 55 ? GLU A 55 LEU A 60 
A 3 LYS A 60 ? LEU A 63 ? LYS A 65 LEU A 68 
# 
loop_
_pdbx_struct_sheet_hbond.sheet_id 
_pdbx_struct_sheet_hbond.range_id_1 
_pdbx_struct_sheet_hbond.range_id_2 
_pdbx_struct_sheet_hbond.range_1_label_atom_id 
_pdbx_struct_sheet_hbond.range_1_label_comp_id 
_pdbx_struct_sheet_hbond.range_1_label_asym_id 
_pdbx_struct_sheet_hbond.range_1_label_seq_id 
_pdbx_struct_sheet_hbond.range_1_PDB_ins_code 
_pdbx_struct_sheet_hbond.range_1_auth_atom_id 
_pdbx_struct_sheet_hbond.range_1_auth_comp_id 
_pdbx_struct_sheet_hbond.range_1_auth_asym_id 
_pdbx_struct_sheet_hbond.range_1_auth_seq_id 
_pdbx_struct_sheet_hbond.range_2_label_atom_id 
_pdbx_struct_sheet_hbond.range_2_label_comp_id 
_pdbx_struct_sheet_hbond.range_2_label_asym_id 
_pdbx_struct_sheet_hbond.range_2_label_seq_id 
_pdbx_struct_sheet_hbond.range_2_PDB_ins_code 
_pdbx_struct_sheet_hbond.range_2_auth_atom_id 
_pdbx_struct_sheet_hbond.range_2_auth_comp_id 
_pdbx_struct_sheet_hbond.range_2_auth_asym_id 
_pdbx_struct_sheet_hbond.range_2_auth_seq_id 
A 1 2 N ILE A 40 ? N ILE A 45 O GLU A 50 ? O GLU A 55 
A 2 3 N ALA A 53 ? N ALA A 58 O ILE A 61 ? O ILE A 66 
# 
loop_
_struct_site.id 
_struct_site.pdbx_evidence_code 
_struct_site.pdbx_auth_asym_id 
_struct_site.pdbx_auth_comp_id 
_struct_site.pdbx_auth_seq_id 
_struct_site.pdbx_auth_ins_code 
_struct_site.pdbx_num_residues 
_struct_site.details 
AC1 Software A ESA 101 ? 6  'BINDING SITE FOR RESIDUE ESA A 101' 
AC2 Software A ESA 102 ? 5  'BINDING SITE FOR RESIDUE ESA A 102' 
AC3 Software A ESA 103 ? 10 'BINDING SITE FOR RESIDUE ESA A 103' 
# 
loop_
_struct_site_gen.id 
_struct_site_gen.site_id 
_struct_site_gen.pdbx_num_res 
_struct_site_gen.label_comp_id 
_struct_site_gen.label_asym_id 
_struct_site_gen.label_seq_id 
_struct_site_gen.pdbx_auth_ins_code 
_struct_site_gen.auth_comp_id 
_struct_site_gen.auth_asym_id 
_struct_site_gen.auth_seq_id 
_struct_site_gen.label_atom_id 
_struct_site_gen.label_alt_id 
_struct_site_gen.symmetry 
_struct_site_gen.details 
1  AC1 6  HIS A 30 ? HIS A 35  . ? 1_555 ? 
2  AC1 6  PRO A 31 ? PRO A 36  . ? 1_555 ? 
3  AC1 6  ARG A 69 ? ARG A 74  . ? 1_555 ? 
4  AC1 6  ESA C .  ? ESA A 102 . ? 1_555 ? 
5  AC1 6  ESA D .  ? ESA A 103 . ? 7_556 ? 
6  AC1 6  ESA D .  ? ESA A 103 . ? 1_555 ? 
7  AC2 5  HIS A 30 ? HIS A 35  . ? 7_556 ? 
8  AC2 5  LYS A 32 ? LYS A 37  . ? 7_556 ? 
9  AC2 5  ESA B .  ? ESA A 101 . ? 1_555 ? 
10 AC2 5  ESA D .  ? ESA A 103 . ? 7_556 ? 
11 AC2 5  ESA D .  ? ESA A 103 . ? 1_555 ? 
12 AC3 10 HIS A 30 ? HIS A 35  . ? 7_556 ? 
13 AC3 10 PRO A 31 ? PRO A 36  . ? 7_556 ? 
14 AC3 10 LYS A 32 ? LYS A 37  . ? 7_556 ? 
15 AC3 10 LYS A 76 ? LYS A 81  . ? 1_555 ? 
16 AC3 10 LYS A 76 ? LYS A 81  . ? 7_556 ? 
17 AC3 10 ESA B .  ? ESA A 101 . ? 7_556 ? 
18 AC3 10 ESA B .  ? ESA A 101 . ? 1_555 ? 
19 AC3 10 ESA C .  ? ESA A 102 . ? 7_556 ? 
20 AC3 10 ESA C .  ? ESA A 102 . ? 1_555 ? 
21 AC3 10 HOH E .  ? HOH A 324 . ? 7_556 ? 
# 
_pdbx_entry_details.entry_id                   1F9P 
_pdbx_entry_details.compound_details           ? 
_pdbx_entry_details.source_details             ? 
_pdbx_entry_details.nonpolymer_details         ? 
_pdbx_entry_details.sequence_details           ? 
_pdbx_entry_details.has_ligand_of_interest     ? 
_pdbx_entry_details.has_protein_modification   Y 
# 
loop_
_pdbx_validate_torsion.id 
_pdbx_validate_torsion.PDB_model_num 
_pdbx_validate_torsion.auth_comp_id 
_pdbx_validate_torsion.auth_asym_id 
_pdbx_validate_torsion.auth_seq_id 
_pdbx_validate_torsion.PDB_ins_code 
_pdbx_validate_torsion.label_alt_id 
_pdbx_validate_torsion.phi 
_pdbx_validate_torsion.psi 
1 1 GLU A 12 ? ? 87.37   -3.80   
2 1 SER A 14 ? ? -109.79 -154.54 
3 1 ASP A 16 ? ? -48.31  154.71  
# 
loop_
_pdbx_unobs_or_zero_occ_residues.id 
_pdbx_unobs_or_zero_occ_residues.PDB_model_num 
_pdbx_unobs_or_zero_occ_residues.polymer_flag 
_pdbx_unobs_or_zero_occ_residues.occupancy_flag 
_pdbx_unobs_or_zero_occ_residues.auth_asym_id 
_pdbx_unobs_or_zero_occ_residues.auth_comp_id 
_pdbx_unobs_or_zero_occ_residues.auth_seq_id 
_pdbx_unobs_or_zero_occ_residues.PDB_ins_code 
_pdbx_unobs_or_zero_occ_residues.label_asym_id 
_pdbx_unobs_or_zero_occ_residues.label_comp_id 
_pdbx_unobs_or_zero_occ_residues.label_seq_id 
1 1 Y 1 A GLU 87 ? A GLU 82 
2 1 Y 1 A SER 88 ? A SER 83 
3 1 Y 1 A ALA 89 ? A ALA 84 
4 1 Y 1 A ASP 90 ? A ASP 85 
# 
loop_
_chem_comp_atom.comp_id 
_chem_comp_atom.atom_id 
_chem_comp_atom.type_symbol 
_chem_comp_atom.pdbx_aromatic_flag 
_chem_comp_atom.pdbx_stereo_config 
_chem_comp_atom.pdbx_ordinal 
ALA N    N N N 1   
ALA CA   C N S 2   
ALA C    C N N 3   
ALA O    O N N 4   
ALA CB   C N N 5   
ALA OXT  O N N 6   
ALA H    H N N 7   
ALA H2   H N N 8   
ALA HA   H N N 9   
ALA HB1  H N N 10  
ALA HB2  H N N 11  
ALA HB3  H N N 12  
ALA HXT  H N N 13  
ARG N    N N N 14  
ARG CA   C N S 15  
ARG C    C N N 16  
ARG O    O N N 17  
ARG CB   C N N 18  
ARG CG   C N N 19  
ARG CD   C N N 20  
ARG NE   N N N 21  
ARG CZ   C N N 22  
ARG NH1  N N N 23  
ARG NH2  N N N 24  
ARG OXT  O N N 25  
ARG H    H N N 26  
ARG H2   H N N 27  
ARG HA   H N N 28  
ARG HB2  H N N 29  
ARG HB3  H N N 30  
ARG HG2  H N N 31  
ARG HG3  H N N 32  
ARG HD2  H N N 33  
ARG HD3  H N N 34  
ARG HE   H N N 35  
ARG HH11 H N N 36  
ARG HH12 H N N 37  
ARG HH21 H N N 38  
ARG HH22 H N N 39  
ARG HXT  H N N 40  
ASN N    N N N 41  
ASN CA   C N S 42  
ASN C    C N N 43  
ASN O    O N N 44  
ASN CB   C N N 45  
ASN CG   C N N 46  
ASN OD1  O N N 47  
ASN ND2  N N N 48  
ASN OXT  O N N 49  
ASN H    H N N 50  
ASN H2   H N N 51  
ASN HA   H N N 52  
ASN HB2  H N N 53  
ASN HB3  H N N 54  
ASN HD21 H N N 55  
ASN HD22 H N N 56  
ASN HXT  H N N 57  
ASP N    N N N 58  
ASP CA   C N S 59  
ASP C    C N N 60  
ASP O    O N N 61  
ASP CB   C N N 62  
ASP CG   C N N 63  
ASP OD1  O N N 64  
ASP OD2  O N N 65  
ASP OXT  O N N 66  
ASP H    H N N 67  
ASP H2   H N N 68  
ASP HA   H N N 69  
ASP HB2  H N N 70  
ASP HB3  H N N 71  
ASP HD2  H N N 72  
ASP HXT  H N N 73  
CYS N    N N N 74  
CYS CA   C N R 75  
CYS C    C N N 76  
CYS O    O N N 77  
CYS CB   C N N 78  
CYS SG   S N N 79  
CYS OXT  O N N 80  
CYS H    H N N 81  
CYS H2   H N N 82  
CYS HA   H N N 83  
CYS HB2  H N N 84  
CYS HB3  H N N 85  
CYS HG   H N N 86  
CYS HXT  H N N 87  
ESA C1   C N N 88  
ESA C2   C N N 89  
ESA S    S N N 90  
ESA O1   O N N 91  
ESA O2   O N N 92  
ESA O3   O N N 93  
ESA H11  H N N 94  
ESA H12  H N N 95  
ESA H13  H N N 96  
ESA H21  H N N 97  
ESA H22  H N N 98  
ESA HO2  H N N 99  
GLN N    N N N 100 
GLN CA   C N S 101 
GLN C    C N N 102 
GLN O    O N N 103 
GLN CB   C N N 104 
GLN CG   C N N 105 
GLN CD   C N N 106 
GLN OE1  O N N 107 
GLN NE2  N N N 108 
GLN OXT  O N N 109 
GLN H    H N N 110 
GLN H2   H N N 111 
GLN HA   H N N 112 
GLN HB2  H N N 113 
GLN HB3  H N N 114 
GLN HG2  H N N 115 
GLN HG3  H N N 116 
GLN HE21 H N N 117 
GLN HE22 H N N 118 
GLN HXT  H N N 119 
GLU N    N N N 120 
GLU CA   C N S 121 
GLU C    C N N 122 
GLU O    O N N 123 
GLU CB   C N N 124 
GLU CG   C N N 125 
GLU CD   C N N 126 
GLU OE1  O N N 127 
GLU OE2  O N N 128 
GLU OXT  O N N 129 
GLU H    H N N 130 
GLU H2   H N N 131 
GLU HA   H N N 132 
GLU HB2  H N N 133 
GLU HB3  H N N 134 
GLU HG2  H N N 135 
GLU HG3  H N N 136 
GLU HE2  H N N 137 
GLU HXT  H N N 138 
GLY N    N N N 139 
GLY CA   C N N 140 
GLY C    C N N 141 
GLY O    O N N 142 
GLY OXT  O N N 143 
GLY H    H N N 144 
GLY H2   H N N 145 
GLY HA2  H N N 146 
GLY HA3  H N N 147 
GLY HXT  H N N 148 
HIS N    N N N 149 
HIS CA   C N S 150 
HIS C    C N N 151 
HIS O    O N N 152 
HIS CB   C N N 153 
HIS CG   C Y N 154 
HIS ND1  N Y N 155 
HIS CD2  C Y N 156 
HIS CE1  C Y N 157 
HIS NE2  N Y N 158 
HIS OXT  O N N 159 
HIS H    H N N 160 
HIS H2   H N N 161 
HIS HA   H N N 162 
HIS HB2  H N N 163 
HIS HB3  H N N 164 
HIS HD1  H N N 165 
HIS HD2  H N N 166 
HIS HE1  H N N 167 
HIS HE2  H N N 168 
HIS HXT  H N N 169 
HOH O    O N N 170 
HOH H1   H N N 171 
HOH H2   H N N 172 
ILE N    N N N 173 
ILE CA   C N S 174 
ILE C    C N N 175 
ILE O    O N N 176 
ILE CB   C N S 177 
ILE CG1  C N N 178 
ILE CG2  C N N 179 
ILE CD1  C N N 180 
ILE OXT  O N N 181 
ILE H    H N N 182 
ILE H2   H N N 183 
ILE HA   H N N 184 
ILE HB   H N N 185 
ILE HG12 H N N 186 
ILE HG13 H N N 187 
ILE HG21 H N N 188 
ILE HG22 H N N 189 
ILE HG23 H N N 190 
ILE HD11 H N N 191 
ILE HD12 H N N 192 
ILE HD13 H N N 193 
ILE HXT  H N N 194 
LEU N    N N N 195 
LEU CA   C N S 196 
LEU C    C N N 197 
LEU O    O N N 198 
LEU CB   C N N 199 
LEU CG   C N N 200 
LEU CD1  C N N 201 
LEU CD2  C N N 202 
LEU OXT  O N N 203 
LEU H    H N N 204 
LEU H2   H N N 205 
LEU HA   H N N 206 
LEU HB2  H N N 207 
LEU HB3  H N N 208 
LEU HG   H N N 209 
LEU HD11 H N N 210 
LEU HD12 H N N 211 
LEU HD13 H N N 212 
LEU HD21 H N N 213 
LEU HD22 H N N 214 
LEU HD23 H N N 215 
LEU HXT  H N N 216 
LYS N    N N N 217 
LYS CA   C N S 218 
LYS C    C N N 219 
LYS O    O N N 220 
LYS CB   C N N 221 
LYS CG   C N N 222 
LYS CD   C N N 223 
LYS CE   C N N 224 
LYS NZ   N N N 225 
LYS OXT  O N N 226 
LYS H    H N N 227 
LYS H2   H N N 228 
LYS HA   H N N 229 
LYS HB2  H N N 230 
LYS HB3  H N N 231 
LYS HG2  H N N 232 
LYS HG3  H N N 233 
LYS HD2  H N N 234 
LYS HD3  H N N 235 
LYS HE2  H N N 236 
LYS HE3  H N N 237 
LYS HZ1  H N N 238 
LYS HZ2  H N N 239 
LYS HZ3  H N N 240 
LYS HXT  H N N 241 
MET N    N N N 242 
MET CA   C N S 243 
MET C    C N N 244 
MET O    O N N 245 
MET CB   C N N 246 
MET CG   C N N 247 
MET SD   S N N 248 
MET CE   C N N 249 
MET OXT  O N N 250 
MET H    H N N 251 
MET H2   H N N 252 
MET HA   H N N 253 
MET HB2  H N N 254 
MET HB3  H N N 255 
MET HG2  H N N 256 
MET HG3  H N N 257 
MET HE1  H N N 258 
MET HE2  H N N 259 
MET HE3  H N N 260 
MET HXT  H N N 261 
PRO N    N N N 262 
PRO CA   C N S 263 
PRO C    C N N 264 
PRO O    O N N 265 
PRO CB   C N N 266 
PRO CG   C N N 267 
PRO CD   C N N 268 
PRO OXT  O N N 269 
PRO H    H N N 270 
PRO HA   H N N 271 
PRO HB2  H N N 272 
PRO HB3  H N N 273 
PRO HG2  H N N 274 
PRO HG3  H N N 275 
PRO HD2  H N N 276 
PRO HD3  H N N 277 
PRO HXT  H N N 278 
SER N    N N N 279 
SER CA   C N S 280 
SER C    C N N 281 
SER O    O N N 282 
SER CB   C N N 283 
SER OG   O N N 284 
SER OXT  O N N 285 
SER H    H N N 286 
SER H2   H N N 287 
SER HA   H N N 288 
SER HB2  H N N 289 
SER HB3  H N N 290 
SER HG   H N N 291 
SER HXT  H N N 292 
THR N    N N N 293 
THR CA   C N S 294 
THR C    C N N 295 
THR O    O N N 296 
THR CB   C N R 297 
THR OG1  O N N 298 
THR CG2  C N N 299 
THR OXT  O N N 300 
THR H    H N N 301 
THR H2   H N N 302 
THR HA   H N N 303 
THR HB   H N N 304 
THR HG1  H N N 305 
THR HG21 H N N 306 
THR HG22 H N N 307 
THR HG23 H N N 308 
THR HXT  H N N 309 
TYR N    N N N 310 
TYR CA   C N S 311 
TYR C    C N N 312 
TYR O    O N N 313 
TYR CB   C N N 314 
TYR CG   C Y N 315 
TYR CD1  C Y N 316 
TYR CD2  C Y N 317 
TYR CE1  C Y N 318 
TYR CE2  C Y N 319 
TYR CZ   C Y N 320 
TYR OH   O N N 321 
TYR OXT  O N N 322 
TYR H    H N N 323 
TYR H2   H N N 324 
TYR HA   H N N 325 
TYR HB2  H N N 326 
TYR HB3  H N N 327 
TYR HD1  H N N 328 
TYR HD2  H N N 329 
TYR HE1  H N N 330 
TYR HE2  H N N 331 
TYR HH   H N N 332 
TYR HXT  H N N 333 
VAL N    N N N 334 
VAL CA   C N S 335 
VAL C    C N N 336 
VAL O    O N N 337 
VAL CB   C N N 338 
VAL CG1  C N N 339 
VAL CG2  C N N 340 
VAL OXT  O N N 341 
VAL H    H N N 342 
VAL H2   H N N 343 
VAL HA   H N N 344 
VAL HB   H N N 345 
VAL HG11 H N N 346 
VAL HG12 H N N 347 
VAL HG13 H N N 348 
VAL HG21 H N N 349 
VAL HG22 H N N 350 
VAL HG23 H N N 351 
VAL HXT  H N N 352 
# 
loop_
_chem_comp_bond.comp_id 
_chem_comp_bond.atom_id_1 
_chem_comp_bond.atom_id_2 
_chem_comp_bond.value_order 
_chem_comp_bond.pdbx_aromatic_flag 
_chem_comp_bond.pdbx_stereo_config 
_chem_comp_bond.pdbx_ordinal 
ALA N   CA   sing N N 1   
ALA N   H    sing N N 2   
ALA N   H2   sing N N 3   
ALA CA  C    sing N N 4   
ALA CA  CB   sing N N 5   
ALA CA  HA   sing N N 6   
ALA C   O    doub N N 7   
ALA C   OXT  sing N N 8   
ALA CB  HB1  sing N N 9   
ALA CB  HB2  sing N N 10  
ALA CB  HB3  sing N N 11  
ALA OXT HXT  sing N N 12  
ARG N   CA   sing N N 13  
ARG N   H    sing N N 14  
ARG N   H2   sing N N 15  
ARG CA  C    sing N N 16  
ARG CA  CB   sing N N 17  
ARG CA  HA   sing N N 18  
ARG C   O    doub N N 19  
ARG C   OXT  sing N N 20  
ARG CB  CG   sing N N 21  
ARG CB  HB2  sing N N 22  
ARG CB  HB3  sing N N 23  
ARG CG  CD   sing N N 24  
ARG CG  HG2  sing N N 25  
ARG CG  HG3  sing N N 26  
ARG CD  NE   sing N N 27  
ARG CD  HD2  sing N N 28  
ARG CD  HD3  sing N N 29  
ARG NE  CZ   sing N N 30  
ARG NE  HE   sing N N 31  
ARG CZ  NH1  sing N N 32  
ARG CZ  NH2  doub N N 33  
ARG NH1 HH11 sing N N 34  
ARG NH1 HH12 sing N N 35  
ARG NH2 HH21 sing N N 36  
ARG NH2 HH22 sing N N 37  
ARG OXT HXT  sing N N 38  
ASN N   CA   sing N N 39  
ASN N   H    sing N N 40  
ASN N   H2   sing N N 41  
ASN CA  C    sing N N 42  
ASN CA  CB   sing N N 43  
ASN CA  HA   sing N N 44  
ASN C   O    doub N N 45  
ASN C   OXT  sing N N 46  
ASN CB  CG   sing N N 47  
ASN CB  HB2  sing N N 48  
ASN CB  HB3  sing N N 49  
ASN CG  OD1  doub N N 50  
ASN CG  ND2  sing N N 51  
ASN ND2 HD21 sing N N 52  
ASN ND2 HD22 sing N N 53  
ASN OXT HXT  sing N N 54  
ASP N   CA   sing N N 55  
ASP N   H    sing N N 56  
ASP N   H2   sing N N 57  
ASP CA  C    sing N N 58  
ASP CA  CB   sing N N 59  
ASP CA  HA   sing N N 60  
ASP C   O    doub N N 61  
ASP C   OXT  sing N N 62  
ASP CB  CG   sing N N 63  
ASP CB  HB2  sing N N 64  
ASP CB  HB3  sing N N 65  
ASP CG  OD1  doub N N 66  
ASP CG  OD2  sing N N 67  
ASP OD2 HD2  sing N N 68  
ASP OXT HXT  sing N N 69  
CYS N   CA   sing N N 70  
CYS N   H    sing N N 71  
CYS N   H2   sing N N 72  
CYS CA  C    sing N N 73  
CYS CA  CB   sing N N 74  
CYS CA  HA   sing N N 75  
CYS C   O    doub N N 76  
CYS C   OXT  sing N N 77  
CYS CB  SG   sing N N 78  
CYS CB  HB2  sing N N 79  
CYS CB  HB3  sing N N 80  
CYS SG  HG   sing N N 81  
CYS OXT HXT  sing N N 82  
ESA C1  C2   sing N N 83  
ESA C1  H11  sing N N 84  
ESA C1  H12  sing N N 85  
ESA C1  H13  sing N N 86  
ESA C2  S    sing N N 87  
ESA C2  H21  sing N N 88  
ESA C2  H22  sing N N 89  
ESA S   O1   doub N N 90  
ESA S   O2   sing N N 91  
ESA S   O3   doub N N 92  
ESA O2  HO2  sing N N 93  
GLN N   CA   sing N N 94  
GLN N   H    sing N N 95  
GLN N   H2   sing N N 96  
GLN CA  C    sing N N 97  
GLN CA  CB   sing N N 98  
GLN CA  HA   sing N N 99  
GLN C   O    doub N N 100 
GLN C   OXT  sing N N 101 
GLN CB  CG   sing N N 102 
GLN CB  HB2  sing N N 103 
GLN CB  HB3  sing N N 104 
GLN CG  CD   sing N N 105 
GLN CG  HG2  sing N N 106 
GLN CG  HG3  sing N N 107 
GLN CD  OE1  doub N N 108 
GLN CD  NE2  sing N N 109 
GLN NE2 HE21 sing N N 110 
GLN NE2 HE22 sing N N 111 
GLN OXT HXT  sing N N 112 
GLU N   CA   sing N N 113 
GLU N   H    sing N N 114 
GLU N   H2   sing N N 115 
GLU CA  C    sing N N 116 
GLU CA  CB   sing N N 117 
GLU CA  HA   sing N N 118 
GLU C   O    doub N N 119 
GLU C   OXT  sing N N 120 
GLU CB  CG   sing N N 121 
GLU CB  HB2  sing N N 122 
GLU CB  HB3  sing N N 123 
GLU CG  CD   sing N N 124 
GLU CG  HG2  sing N N 125 
GLU CG  HG3  sing N N 126 
GLU CD  OE1  doub N N 127 
GLU CD  OE2  sing N N 128 
GLU OE2 HE2  sing N N 129 
GLU OXT HXT  sing N N 130 
GLY N   CA   sing N N 131 
GLY N   H    sing N N 132 
GLY N   H2   sing N N 133 
GLY CA  C    sing N N 134 
GLY CA  HA2  sing N N 135 
GLY CA  HA3  sing N N 136 
GLY C   O    doub N N 137 
GLY C   OXT  sing N N 138 
GLY OXT HXT  sing N N 139 
HIS N   CA   sing N N 140 
HIS N   H    sing N N 141 
HIS N   H2   sing N N 142 
HIS CA  C    sing N N 143 
HIS CA  CB   sing N N 144 
HIS CA  HA   sing N N 145 
HIS C   O    doub N N 146 
HIS C   OXT  sing N N 147 
HIS CB  CG   sing N N 148 
HIS CB  HB2  sing N N 149 
HIS CB  HB3  sing N N 150 
HIS CG  ND1  sing Y N 151 
HIS CG  CD2  doub Y N 152 
HIS ND1 CE1  doub Y N 153 
HIS ND1 HD1  sing N N 154 
HIS CD2 NE2  sing Y N 155 
HIS CD2 HD2  sing N N 156 
HIS CE1 NE2  sing Y N 157 
HIS CE1 HE1  sing N N 158 
HIS NE2 HE2  sing N N 159 
HIS OXT HXT  sing N N 160 
HOH O   H1   sing N N 161 
HOH O   H2   sing N N 162 
ILE N   CA   sing N N 163 
ILE N   H    sing N N 164 
ILE N   H2   sing N N 165 
ILE CA  C    sing N N 166 
ILE CA  CB   sing N N 167 
ILE CA  HA   sing N N 168 
ILE C   O    doub N N 169 
ILE C   OXT  sing N N 170 
ILE CB  CG1  sing N N 171 
ILE CB  CG2  sing N N 172 
ILE CB  HB   sing N N 173 
ILE CG1 CD1  sing N N 174 
ILE CG1 HG12 sing N N 175 
ILE CG1 HG13 sing N N 176 
ILE CG2 HG21 sing N N 177 
ILE CG2 HG22 sing N N 178 
ILE CG2 HG23 sing N N 179 
ILE CD1 HD11 sing N N 180 
ILE CD1 HD12 sing N N 181 
ILE CD1 HD13 sing N N 182 
ILE OXT HXT  sing N N 183 
LEU N   CA   sing N N 184 
LEU N   H    sing N N 185 
LEU N   H2   sing N N 186 
LEU CA  C    sing N N 187 
LEU CA  CB   sing N N 188 
LEU CA  HA   sing N N 189 
LEU C   O    doub N N 190 
LEU C   OXT  sing N N 191 
LEU CB  CG   sing N N 192 
LEU CB  HB2  sing N N 193 
LEU CB  HB3  sing N N 194 
LEU CG  CD1  sing N N 195 
LEU CG  CD2  sing N N 196 
LEU CG  HG   sing N N 197 
LEU CD1 HD11 sing N N 198 
LEU CD1 HD12 sing N N 199 
LEU CD1 HD13 sing N N 200 
LEU CD2 HD21 sing N N 201 
LEU CD2 HD22 sing N N 202 
LEU CD2 HD23 sing N N 203 
LEU OXT HXT  sing N N 204 
LYS N   CA   sing N N 205 
LYS N   H    sing N N 206 
LYS N   H2   sing N N 207 
LYS CA  C    sing N N 208 
LYS CA  CB   sing N N 209 
LYS CA  HA   sing N N 210 
LYS C   O    doub N N 211 
LYS C   OXT  sing N N 212 
LYS CB  CG   sing N N 213 
LYS CB  HB2  sing N N 214 
LYS CB  HB3  sing N N 215 
LYS CG  CD   sing N N 216 
LYS CG  HG2  sing N N 217 
LYS CG  HG3  sing N N 218 
LYS CD  CE   sing N N 219 
LYS CD  HD2  sing N N 220 
LYS CD  HD3  sing N N 221 
LYS CE  NZ   sing N N 222 
LYS CE  HE2  sing N N 223 
LYS CE  HE3  sing N N 224 
LYS NZ  HZ1  sing N N 225 
LYS NZ  HZ2  sing N N 226 
LYS NZ  HZ3  sing N N 227 
LYS OXT HXT  sing N N 228 
MET N   CA   sing N N 229 
MET N   H    sing N N 230 
MET N   H2   sing N N 231 
MET CA  C    sing N N 232 
MET CA  CB   sing N N 233 
MET CA  HA   sing N N 234 
MET C   O    doub N N 235 
MET C   OXT  sing N N 236 
MET CB  CG   sing N N 237 
MET CB  HB2  sing N N 238 
MET CB  HB3  sing N N 239 
MET CG  SD   sing N N 240 
MET CG  HG2  sing N N 241 
MET CG  HG3  sing N N 242 
MET SD  CE   sing N N 243 
MET CE  HE1  sing N N 244 
MET CE  HE2  sing N N 245 
MET CE  HE3  sing N N 246 
MET OXT HXT  sing N N 247 
PRO N   CA   sing N N 248 
PRO N   CD   sing N N 249 
PRO N   H    sing N N 250 
PRO CA  C    sing N N 251 
PRO CA  CB   sing N N 252 
PRO CA  HA   sing N N 253 
PRO C   O    doub N N 254 
PRO C   OXT  sing N N 255 
PRO CB  CG   sing N N 256 
PRO CB  HB2  sing N N 257 
PRO CB  HB3  sing N N 258 
PRO CG  CD   sing N N 259 
PRO CG  HG2  sing N N 260 
PRO CG  HG3  sing N N 261 
PRO CD  HD2  sing N N 262 
PRO CD  HD3  sing N N 263 
PRO OXT HXT  sing N N 264 
SER N   CA   sing N N 265 
SER N   H    sing N N 266 
SER N   H2   sing N N 267 
SER CA  C    sing N N 268 
SER CA  CB   sing N N 269 
SER CA  HA   sing N N 270 
SER C   O    doub N N 271 
SER C   OXT  sing N N 272 
SER CB  OG   sing N N 273 
SER CB  HB2  sing N N 274 
SER CB  HB3  sing N N 275 
SER OG  HG   sing N N 276 
SER OXT HXT  sing N N 277 
THR N   CA   sing N N 278 
THR N   H    sing N N 279 
THR N   H2   sing N N 280 
THR CA  C    sing N N 281 
THR CA  CB   sing N N 282 
THR CA  HA   sing N N 283 
THR C   O    doub N N 284 
THR C   OXT  sing N N 285 
THR CB  OG1  sing N N 286 
THR CB  CG2  sing N N 287 
THR CB  HB   sing N N 288 
THR OG1 HG1  sing N N 289 
THR CG2 HG21 sing N N 290 
THR CG2 HG22 sing N N 291 
THR CG2 HG23 sing N N 292 
THR OXT HXT  sing N N 293 
TYR N   CA   sing N N 294 
TYR N   H    sing N N 295 
TYR N   H2   sing N N 296 
TYR CA  C    sing N N 297 
TYR CA  CB   sing N N 298 
TYR CA  HA   sing N N 299 
TYR C   O    doub N N 300 
TYR C   OXT  sing N N 301 
TYR CB  CG   sing N N 302 
TYR CB  HB2  sing N N 303 
TYR CB  HB3  sing N N 304 
TYR CG  CD1  doub Y N 305 
TYR CG  CD2  sing Y N 306 
TYR CD1 CE1  sing Y N 307 
TYR CD1 HD1  sing N N 308 
TYR CD2 CE2  doub Y N 309 
TYR CD2 HD2  sing N N 310 
TYR CE1 CZ   doub Y N 311 
TYR CE1 HE1  sing N N 312 
TYR CE2 CZ   sing Y N 313 
TYR CE2 HE2  sing N N 314 
TYR CZ  OH   sing N N 315 
TYR OH  HH   sing N N 316 
TYR OXT HXT  sing N N 317 
VAL N   CA   sing N N 318 
VAL N   H    sing N N 319 
VAL N   H2   sing N N 320 
VAL CA  C    sing N N 321 
VAL CA  CB   sing N N 322 
VAL CA  HA   sing N N 323 
VAL C   O    doub N N 324 
VAL C   OXT  sing N N 325 
VAL CB  CG1  sing N N 326 
VAL CB  CG2  sing N N 327 
VAL CB  HB   sing N N 328 
VAL CG1 HG11 sing N N 329 
VAL CG1 HG12 sing N N 330 
VAL CG1 HG13 sing N N 331 
VAL CG2 HG21 sing N N 332 
VAL CG2 HG22 sing N N 333 
VAL CG2 HG23 sing N N 334 
VAL OXT HXT  sing N N 335 
# 
_atom_sites.entry_id                    1F9P 
_atom_sites.fract_transf_matrix[1][1]   -0.00303948 
_atom_sites.fract_transf_matrix[1][2]   -0.01149541 
_atom_sites.fract_transf_matrix[1][3]   -0.01388700 
_atom_sites.fract_transf_matrix[2][1]   0.01624375 
_atom_sites.fract_transf_matrix[2][2]   0.00436162 
_atom_sites.fract_transf_matrix[2][3]   -0.00716578 
_atom_sites.fract_transf_matrix[3][1]   0.00733724 
_atom_sites.fract_transf_matrix[3][2]   -0.01269677 
_atom_sites.fract_transf_matrix[3][3]   0.00890424 
_atom_sites.fract_transf_vector[1]      0.465728 
_atom_sites.fract_transf_vector[2]      0.795661 
_atom_sites.fract_transf_vector[3]      0.222849 
# 
loop_
_atom_type.symbol 
C 
N 
O 
S 
# 
loop_
_atom_site.group_PDB 
_atom_site.id 
_atom_site.type_symbol 
_atom_site.label_atom_id 
_atom_site.label_alt_id 
_atom_site.label_comp_id 
_atom_site.label_asym_id 
_atom_site.label_entity_id 
_atom_site.label_seq_id 
_atom_site.pdbx_PDB_ins_code 
_atom_site.Cartn_x 
_atom_site.Cartn_y 
_atom_site.Cartn_z 
_atom_site.occupancy 
_atom_site.B_iso_or_equiv 
_atom_site.pdbx_formal_charge 
_atom_site.auth_seq_id 
_atom_site.auth_comp_id 
_atom_site.auth_asym_id 
_atom_site.auth_atom_id 
_atom_site.pdbx_PDB_model_num 
ATOM   1   N N   . ASN A 1 1  ? 18.871  10.900  -6.273  1.00 99.68 ? 6   ASN A N   1 
ATOM   2   C CA  . ASN A 1 1  ? 18.854  12.124  -7.126  1.00 99.68 ? 6   ASN A CA  1 
ATOM   3   C C   . ASN A 1 1  ? 18.267  13.305  -6.349  1.00 99.68 ? 6   ASN A C   1 
ATOM   4   O O   . ASN A 1 1  ? 17.062  13.370  -6.086  1.00 99.68 ? 6   ASN A O   1 
ATOM   5   C CB  . ASN A 1 1  ? 18.071  11.837  -8.410  1.00 99.68 ? 6   ASN A CB  1 
ATOM   6   C CG  . ASN A 1 1  ? 18.713  10.733  -9.246  1.00 99.68 ? 6   ASN A CG  1 
ATOM   7   O OD1 . ASN A 1 1  ? 18.200  10.356  -10.302 1.00 99.68 ? 6   ASN A OD1 1 
ATOM   8   N ND2 . ASN A 1 1  ? 19.838  10.207  -8.770  1.00 99.68 ? 6   ASN A ND2 1 
ATOM   9   N N   . LEU A 1 2  ? 19.156  14.233  -6.000  1.00 99.58 ? 7   LEU A N   1 
ATOM   10  C CA  . LEU A 1 2  ? 18.853  15.414  -5.195  1.00 99.62 ? 7   LEU A CA  1 
ATOM   11  C C   . LEU A 1 2  ? 18.024  16.564  -5.793  1.00 99.68 ? 7   LEU A C   1 
ATOM   12  O O   . LEU A 1 2  ? 16.931  16.865  -5.306  1.00 99.68 ? 7   LEU A O   1 
ATOM   13  C CB  . LEU A 1 2  ? 20.178  15.988  -4.671  1.00 99.61 ? 7   LEU A CB  1 
ATOM   14  C CG  . LEU A 1 2  ? 19.985  16.663  -3.313  1.00 99.68 ? 7   LEU A CG  1 
ATOM   15  C CD1 . LEU A 1 2  ? 19.641  15.618  -2.258  1.00 99.42 ? 7   LEU A CD1 1 
ATOM   16  C CD2 . LEU A 1 2  ? 21.259  17.398  -2.930  1.00 99.53 ? 7   LEU A CD2 1 
ATOM   17  N N   . ALA A 1 3  ? 18.550  17.202  -6.839  1.00 99.68 ? 8   ALA A N   1 
ATOM   18  C CA  . ALA A 1 3  ? 17.921  18.372  -7.466  1.00 99.68 ? 8   ALA A CA  1 
ATOM   19  C C   . ALA A 1 3  ? 16.682  18.236  -8.362  1.00 99.68 ? 8   ALA A C   1 
ATOM   20  O O   . ALA A 1 3  ? 16.079  17.168  -8.485  1.00 99.68 ? 8   ALA A O   1 
ATOM   21  C CB  . ALA A 1 3  ? 18.994  19.162  -8.219  1.00 99.68 ? 8   ALA A CB  1 
ATOM   22  N N   . LYS A 1 4  ? 16.326  19.371  -8.973  1.00 99.68 ? 9   LYS A N   1 
ATOM   23  C CA  . LYS A 1 4  ? 15.188  19.528  -9.889  1.00 99.68 ? 9   LYS A CA  1 
ATOM   24  C C   . LYS A 1 4  ? 15.473  18.877  -11.248 1.00 99.68 ? 9   LYS A C   1 
ATOM   25  O O   . LYS A 1 4  ? 15.743  19.554  -12.246 1.00 99.68 ? 9   LYS A O   1 
ATOM   26  C CB  . LYS A 1 4  ? 14.886  21.027  -10.075 1.00 99.68 ? 9   LYS A CB  1 
ATOM   27  C CG  . LYS A 1 4  ? 13.936  21.407  -11.224 1.00 99.62 ? 9   LYS A CG  1 
ATOM   28  C CD  . LYS A 1 4  ? 12.472  21.486  -10.800 1.00 99.44 ? 9   LYS A CD  1 
ATOM   29  C CE  . LYS A 1 4  ? 11.624  22.138  -11.893 1.00 99.17 ? 9   LYS A CE  1 
ATOM   30  N NZ  . LYS A 1 4  ? 10.207  22.347  -11.490 1.00 98.80 ? 9   LYS A NZ  1 
ATOM   31  N N   . GLY A 1 5  ? 15.416  17.549  -11.266 1.00 99.68 ? 10  GLY A N   1 
ATOM   32  C CA  . GLY A 1 5  ? 15.660  16.786  -12.478 1.00 99.60 ? 10  GLY A CA  1 
ATOM   33  C C   . GLY A 1 5  ? 15.092  15.399  -12.255 1.00 99.47 ? 10  GLY A C   1 
ATOM   34  O O   . GLY A 1 5  ? 15.828  14.422  -12.088 1.00 99.68 ? 10  GLY A O   1 
ATOM   35  N N   . LYS A 1 6  ? 13.768  15.323  -12.254 1.00 99.10 ? 11  LYS A N   1 
ATOM   36  C CA  . LYS A 1 6  ? 13.059  14.074  -12.022 1.00 98.34 ? 11  LYS A CA  1 
ATOM   37  C C   . LYS A 1 6  ? 12.521  13.443  -13.301 1.00 97.60 ? 11  LYS A C   1 
ATOM   38  O O   . LYS A 1 6  ? 12.798  13.917  -14.406 1.00 97.41 ? 11  LYS A O   1 
ATOM   39  C CB  . LYS A 1 6  ? 11.905  14.337  -11.056 1.00 98.72 ? 11  LYS A CB  1 
ATOM   40  C CG  . LYS A 1 6  ? 11.024  15.508  -11.485 1.00 99.04 ? 11  LYS A CG  1 
ATOM   41  C CD  . LYS A 1 6  ? 10.011  15.887  -10.416 1.00 99.49 ? 11  LYS A CD  1 
ATOM   42  C CE  . LYS A 1 6  ? 9.215   17.123  -10.827 1.00 99.63 ? 11  LYS A CE  1 
ATOM   43  N NZ  . LYS A 1 6  ? 8.241   17.539  -9.773  1.00 99.68 ? 11  LYS A NZ  1 
ATOM   44  N N   . GLU A 1 7  ? 11.767  12.356  -13.128 1.00 96.70 ? 12  GLU A N   1 
ATOM   45  C CA  . GLU A 1 7  ? 11.135  11.632  -14.231 1.00 95.80 ? 12  GLU A CA  1 
ATOM   46  C C   . GLU A 1 7  ? 11.979  10.540  -14.909 1.00 94.45 ? 12  GLU A C   1 
ATOM   47  O O   . GLU A 1 7  ? 11.490  9.835   -15.793 1.00 94.22 ? 12  GLU A O   1 
ATOM   48  C CB  . GLU A 1 7  ? 10.638  12.638  -15.275 1.00 96.65 ? 12  GLU A CB  1 
ATOM   49  C CG  . GLU A 1 7  ? 10.040  12.020  -16.510 1.00 97.51 ? 12  GLU A CG  1 
ATOM   50  C CD  . GLU A 1 7  ? 9.656   13.048  -17.541 1.00 97.60 ? 12  GLU A CD  1 
ATOM   51  O OE1 . GLU A 1 7  ? 10.494  13.920  -17.852 1.00 97.57 ? 12  GLU A OE1 1 
ATOM   52  O OE2 . GLU A 1 7  ? 8.518   12.975  -18.048 1.00 98.34 ? 12  GLU A OE2 1 
ATOM   53  N N   . GLU A 1 8  ? 13.234  10.386  -14.502 1.00 92.99 ? 13  GLU A N   1 
ATOM   54  C CA  . GLU A 1 8  ? 14.080  9.356   -15.099 1.00 91.26 ? 13  GLU A CA  1 
ATOM   55  C C   . GLU A 1 8  ? 14.043  8.054   -14.292 1.00 89.38 ? 13  GLU A C   1 
ATOM   56  O O   . GLU A 1 8  ? 14.747  7.091   -14.617 1.00 89.87 ? 13  GLU A O   1 
ATOM   57  C CB  . GLU A 1 8  ? 15.530  9.847   -15.211 1.00 92.15 ? 13  GLU A CB  1 
ATOM   58  C CG  . GLU A 1 8  ? 16.478  8.831   -15.846 1.00 93.35 ? 13  GLU A CG  1 
ATOM   59  C CD  . GLU A 1 8  ? 17.931  9.270   -15.829 1.00 94.16 ? 13  GLU A CD  1 
ATOM   60  O OE1 . GLU A 1 8  ? 18.455  9.563   -14.732 1.00 94.85 ? 13  GLU A OE1 1 
ATOM   61  O OE2 . GLU A 1 8  ? 18.547  9.316   -16.916 1.00 94.50 ? 13  GLU A OE2 1 
ATOM   62  N N   . SER A 1 9  ? 13.221  8.020   -13.244 1.00 86.51 ? 14  SER A N   1 
ATOM   63  C CA  . SER A 1 9  ? 13.124  6.833   -12.396 1.00 83.10 ? 14  SER A CA  1 
ATOM   64  C C   . SER A 1 9  ? 11.800  6.069   -12.528 1.00 80.18 ? 14  SER A C   1 
ATOM   65  O O   . SER A 1 9  ? 11.137  6.125   -13.568 1.00 80.37 ? 14  SER A O   1 
ATOM   66  C CB  . SER A 1 9  ? 13.356  7.221   -10.930 1.00 83.44 ? 14  SER A CB  1 
ATOM   67  O OG  . SER A 1 9  ? 12.411  8.186   -10.504 1.00 83.95 ? 14  SER A OG  1 
ATOM   68  N N   . LEU A 1 10 ? 11.437  5.345   -11.470 1.00 75.94 ? 15  LEU A N   1 
ATOM   69  C CA  . LEU A 1 10 ? 10.210  4.549   -11.440 1.00 71.14 ? 15  LEU A CA  1 
ATOM   70  C C   . LEU A 1 10 ? 8.975   5.360   -11.056 1.00 67.20 ? 15  LEU A C   1 
ATOM   71  O O   . LEU A 1 10 ? 7.881   4.798   -10.969 1.00 66.32 ? 15  LEU A O   1 
ATOM   72  C CB  . LEU A 1 10 ? 10.327  3.392   -10.435 1.00 71.56 ? 15  LEU A CB  1 
ATOM   73  C CG  . LEU A 1 10 ? 11.449  2.416   -10.792 1.00 71.96 ? 15  LEU A CG  1 
ATOM   74  C CD1 . LEU A 1 10 ? 12.807  3.026   -10.492 1.00 72.23 ? 15  LEU A CD1 1 
ATOM   75  C CD2 . LEU A 1 10 ? 11.259  1.148   -9.957  1.00 71.77 ? 15  LEU A CD2 1 
ATOM   76  N N   . ASP A 1 11 ? 9.136   6.659   -10.806 1.00 62.79 ? 16  ASP A N   1 
ATOM   77  C CA  . ASP A 1 11 ? 7.987   7.485   -10.426 1.00 58.07 ? 16  ASP A CA  1 
ATOM   78  C C   . ASP A 1 11 ? 6.835   7.219   -11.402 1.00 53.16 ? 16  ASP A C   1 
ATOM   79  O O   . ASP A 1 11 ? 7.057   6.828   -12.553 1.00 51.75 ? 16  ASP A O   1 
ATOM   80  C CB  . ASP A 1 11 ? 8.352   8.966   -10.426 1.00 60.12 ? 16  ASP A CB  1 
ATOM   81  C CG  . ASP A 1 11 ? 8.649   9.487   -11.803 1.00 61.98 ? 16  ASP A CG  1 
ATOM   82  O OD1 . ASP A 1 11 ? 9.685   9.091   -12.376 1.00 65.76 ? 16  ASP A OD1 1 
ATOM   83  O OD2 . ASP A 1 11 ? 7.842   10.290  -12.316 1.00 64.93 ? 16  ASP A OD2 1 
ATOM   84  N N   . SER A 1 12 ? 5.610   7.448   -10.948 1.00 48.06 ? 17  SER A N   1 
ATOM   85  C CA  . SER A 1 12 ? 4.429   7.158   -11.758 1.00 43.92 ? 17  SER A CA  1 
ATOM   86  C C   . SER A 1 12 ? 4.327   7.788   -13.151 1.00 39.86 ? 17  SER A C   1 
ATOM   87  O O   . SER A 1 12 ? 4.688   8.953   -13.349 1.00 39.02 ? 17  SER A O   1 
ATOM   88  C CB  . SER A 1 12 ? 3.169   7.496   -10.962 1.00 42.74 ? 17  SER A CB  1 
ATOM   89  O OG  . SER A 1 12 ? 2.013   7.046   -11.657 1.00 44.01 ? 17  SER A OG  1 
ATOM   90  N N   . ASP A 1 13 ? 3.830   7.006   -14.112 1.00 35.82 ? 18  ASP A N   1 
ATOM   91  C CA  . ASP A 1 13 ? 3.626   7.491   -15.481 1.00 35.61 ? 18  ASP A CA  1 
ATOM   92  C C   . ASP A 1 13 ? 2.253   8.156   -15.562 1.00 34.77 ? 18  ASP A C   1 
ATOM   93  O O   . ASP A 1 13 ? 1.927   8.761   -16.583 1.00 35.39 ? 18  ASP A O   1 
ATOM   94  C CB  . ASP A 1 13 ? 3.620   6.352   -16.510 1.00 35.36 ? 18  ASP A CB  1 
ATOM   95  C CG  . ASP A 1 13 ? 4.956   5.634   -16.638 1.00 35.80 ? 18  ASP A CG  1 
ATOM   96  O OD1 . ASP A 1 13 ? 6.008   6.171   -16.240 1.00 36.56 ? 18  ASP A OD1 1 
ATOM   97  O OD2 . ASP A 1 13 ? 4.953   4.515   -17.166 1.00 36.44 ? 18  ASP A OD2 1 
ATOM   98  N N   . LEU A 1 14 ? 1.447   8.020   -14.505 1.00 33.52 ? 19  LEU A N   1 
ATOM   99  C CA  . LEU A 1 14 ? 0.074   8.547   -14.483 1.00 35.22 ? 19  LEU A CA  1 
ATOM   100 C C   . LEU A 1 14 ? -0.107  9.819   -13.659 1.00 34.68 ? 19  LEU A C   1 
ATOM   101 O O   . LEU A 1 14 ? 0.237   9.835   -12.475 1.00 34.34 ? 19  LEU A O   1 
ATOM   102 C CB  . LEU A 1 14 ? -0.897  7.494   -13.911 1.00 33.50 ? 19  LEU A CB  1 
ATOM   103 C CG  . LEU A 1 14 ? -1.011  6.262   -14.827 1.00 34.57 ? 19  LEU A CG  1 
ATOM   104 C CD1 . LEU A 1 14 ? -1.666  5.135   -14.044 1.00 35.58 ? 19  LEU A CD1 1 
ATOM   105 C CD2 . LEU A 1 14 ? -1.824  6.551   -16.071 1.00 33.88 ? 19  LEU A CD2 1 
ATOM   106 N N   . TYR A 1 15 ? -0.674  10.867  -14.257 1.00 36.14 ? 20  TYR A N   1 
ATOM   107 C CA  . TYR A 1 15 ? -0.913  12.104  -13.507 1.00 38.13 ? 20  TYR A CA  1 
ATOM   108 C C   . TYR A 1 15 ? -1.744  11.811  -12.247 1.00 37.69 ? 20  TYR A C   1 
ATOM   109 O O   . TYR A 1 15 ? -1.451  12.326  -11.171 1.00 37.71 ? 20  TYR A O   1 
ATOM   110 C CB  . TYR A 1 15 ? -1.687  13.154  -14.339 1.00 39.97 ? 20  TYR A CB  1 
ATOM   111 C CG  . TYR A 1 15 ? -0.928  13.777  -15.498 1.00 41.25 ? 20  TYR A CG  1 
ATOM   112 C CD1 . TYR A 1 15 ? -1.100  13.301  -16.788 1.00 41.14 ? 20  TYR A CD1 1 
ATOM   113 C CD2 . TYR A 1 15 ? -0.019  14.826  -15.297 1.00 43.70 ? 20  TYR A CD2 1 
ATOM   114 C CE1 . TYR A 1 15 ? -0.384  13.837  -17.859 1.00 42.91 ? 20  TYR A CE1 1 
ATOM   115 C CE2 . TYR A 1 15 ? 0.710   15.373  -16.369 1.00 43.50 ? 20  TYR A CE2 1 
ATOM   116 C CZ  . TYR A 1 15 ? 0.518   14.865  -17.644 1.00 43.09 ? 20  TYR A CZ  1 
ATOM   117 O OH  . TYR A 1 15 ? 1.249   15.353  -18.703 1.00 46.55 ? 20  TYR A OH  1 
ATOM   118 N N   . ALA A 1 16 ? -2.774  10.977  -12.384 1.00 36.04 ? 21  ALA A N   1 
ATOM   119 C CA  . ALA A 1 16 ? -3.650  10.684  -11.259 1.00 36.22 ? 21  ALA A CA  1 
ATOM   120 C C   . ALA A 1 16 ? -3.005  9.902   -10.127 1.00 36.60 ? 21  ALA A C   1 
ATOM   121 O O   . ALA A 1 16 ? -3.603  9.761   -9.073  1.00 37.41 ? 21  ALA A O   1 
ATOM   122 C CB  . ALA A 1 16 ? -4.895  9.960   -11.737 1.00 37.45 ? 21  ALA A CB  1 
ATOM   123 N N   . GLU A 1 17 ? -1.802  9.380   -10.341 1.00 36.88 ? 22  GLU A N   1 
ATOM   124 C CA  . GLU A 1 17 ? -1.132  8.628   -9.288  1.00 37.76 ? 22  GLU A CA  1 
ATOM   125 C C   . GLU A 1 17 ? 0.232   9.219   -8.924  1.00 39.79 ? 22  GLU A C   1 
ATOM   126 O O   . GLU A 1 17 ? 1.056   8.568   -8.271  1.00 38.33 ? 22  GLU A O   1 
ATOM   127 C CB  . GLU A 1 17 ? -1.006  7.160   -9.717  1.00 38.35 ? 22  GLU A CB  1 
ATOM   128 C CG  . GLU A 1 17 ? -2.360  6.453   -9.781  1.00 39.28 ? 22  GLU A CG  1 
ATOM   129 C CD  . GLU A 1 17 ? -2.303  5.041   -10.365 1.00 43.20 ? 22  GLU A CD  1 
ATOM   130 O OE1 . GLU A 1 17 ? -1.271  4.363   -10.233 1.00 42.44 ? 22  GLU A OE1 1 
ATOM   131 O OE2 . GLU A 1 17 ? -3.314  4.597   -10.952 1.00 45.67 ? 22  GLU A OE2 1 
ATOM   132 N N   . LEU A 1 18 ? 0.456   10.471  -9.313  1.00 40.68 ? 23  LEU A N   1 
ATOM   133 C CA  . LEU A 1 18 ? 1.728   11.126  -9.036  1.00 42.10 ? 23  LEU A CA  1 
ATOM   134 C C   . LEU A 1 18 ? 2.110   11.178  -7.564  1.00 41.30 ? 23  LEU A C   1 
ATOM   135 O O   . LEU A 1 18 ? 3.297   11.141  -7.248  1.00 42.43 ? 23  LEU A O   1 
ATOM   136 C CB  . LEU A 1 18 ? 1.743   12.544  -9.619  1.00 43.73 ? 23  LEU A CB  1 
ATOM   137 C CG  . LEU A 1 18 ? 2.168   12.526  -11.095 1.00 47.57 ? 23  LEU A CG  1 
ATOM   138 C CD1 . LEU A 1 18 ? 2.064   13.941  -11.663 1.00 48.46 ? 23  LEU A CD1 1 
ATOM   139 C CD2 . LEU A 1 18 ? 3.603   12.013  -11.232 1.00 48.44 ? 23  LEU A CD2 1 
ATOM   140 N N   . ARG A 1 19 ? 1.131   11.273  -6.667  1.00 40.63 ? 24  ARG A N   1 
ATOM   141 C CA  . ARG A 1 19 ? 1.433   11.315  -5.228  1.00 40.89 ? 24  ARG A CA  1 
ATOM   142 C C   . ARG A 1 19 ? 1.163   10.025  -4.456  1.00 39.08 ? 24  ARG A C   1 
ATOM   143 O O   . ARG A 1 19 ? 1.178   10.010  -3.213  1.00 36.10 ? 24  ARG A O   1 
ATOM   144 C CB  . ARG A 1 19 ? 0.666   12.444  -4.539  1.00 43.98 ? 24  ARG A CB  1 
ATOM   145 C CG  . ARG A 1 19 ? 1.160   13.816  -4.892  1.00 48.51 ? 24  ARG A CG  1 
ATOM   146 C CD  . ARG A 1 19 ? 0.469   14.857  -4.047  1.00 53.01 ? 24  ARG A CD  1 
ATOM   147 N NE  . ARG A 1 19 ? 0.810   16.206  -4.480  1.00 57.01 ? 24  ARG A NE  1 
ATOM   148 C CZ  . ARG A 1 19 ? 0.229   17.307  -4.016  1.00 57.90 ? 24  ARG A CZ  1 
ATOM   149 N NH1 . ARG A 1 19 ? -0.726  17.217  -3.101  1.00 58.99 ? 24  ARG A NH1 1 
ATOM   150 N NH2 . ARG A 1 19 ? 0.603   18.493  -4.470  1.00 59.63 ? 24  ARG A NH2 1 
ATOM   151 N N   . CYS A 1 20 ? 0.886   8.946   -5.176  1.00 35.99 ? 25  CYS A N   1 
ATOM   152 C CA  . CYS A 1 20 ? 0.647   7.686   -4.502  1.00 34.83 ? 25  CYS A CA  1 
ATOM   153 C C   . CYS A 1 20 ? 1.959   7.267   -3.871  1.00 35.45 ? 25  CYS A C   1 
ATOM   154 O O   . CYS A 1 20 ? 3.036   7.566   -4.403  1.00 35.78 ? 25  CYS A O   1 
ATOM   155 C CB  . CYS A 1 20 ? 0.186   6.612   -5.487  1.00 33.62 ? 25  CYS A CB  1 
ATOM   156 S SG  . CYS A 1 20 ? -1.486  6.880   -6.159  1.00 35.43 ? 25  CYS A SG  1 
ATOM   157 N N   . MET A 1 21 ? 1.859   6.586   -2.737  1.00 33.56 ? 26  MET A N   1 
ATOM   158 C CA  . MET A 1 21 ? 3.026   6.130   -2.014  1.00 36.03 ? 26  MET A CA  1 
ATOM   159 C C   . MET A 1 21 ? 3.521   4.765   -2.457  1.00 34.44 ? 26  MET A C   1 
ATOM   160 O O   . MET A 1 21 ? 4.700   4.474   -2.326  1.00 33.29 ? 26  MET A O   1 
ATOM   161 C CB  . MET A 1 21 ? 2.727   6.099   -0.514  1.00 37.44 ? 26  MET A CB  1 
ATOM   162 C CG  . MET A 1 21 ? 2.497   7.466   0.081   1.00 40.55 ? 26  MET A CG  1 
ATOM   163 S SD  . MET A 1 21 ? 1.962   7.313   1.760   1.00 48.58 ? 26  MET A SD  1 
ATOM   164 C CE  . MET A 1 21 ? 3.483   6.948   2.556   1.00 47.08 ? 26  MET A CE  1 
ATOM   165 N N   . CYS A 1 22 ? 2.618   3.949   -2.990  1.00 34.36 ? 27  CYS A N   1 
ATOM   166 C CA  . CYS A 1 22 ? 2.945   2.598   -3.430  1.00 35.65 ? 27  CYS A CA  1 
ATOM   167 C C   . CYS A 1 22 ? 3.222   2.450   -4.927  1.00 37.41 ? 27  CYS A C   1 
ATOM   168 O O   . CYS A 1 22 ? 2.447   2.931   -5.756  1.00 37.59 ? 27  CYS A O   1 
ATOM   169 C CB  . CYS A 1 22 ? 1.801   1.654   -3.049  1.00 34.85 ? 27  CYS A CB  1 
ATOM   170 S SG  . CYS A 1 22 ? 1.396   1.558   -1.274  1.00 34.21 ? 27  CYS A SG  1 
ATOM   171 N N   . ILE A 1 23 ? 4.327   1.780   -5.258  1.00 37.79 ? 28  ILE A N   1 
ATOM   172 C CA  . ILE A 1 23 ? 4.717   1.522   -6.642  1.00 38.58 ? 28  ILE A CA  1 
ATOM   173 C C   . ILE A 1 23 ? 3.925   0.307   -7.130  1.00 38.44 ? 28  ILE A C   1 
ATOM   174 O O   . ILE A 1 23 ? 3.502   0.233   -8.286  1.00 39.27 ? 28  ILE A O   1 
ATOM   175 C CB  . ILE A 1 23 ? 6.202   1.129   -6.760  1.00 40.67 ? 28  ILE A CB  1 
ATOM   176 C CG1 . ILE A 1 23 ? 7.092   2.161   -6.079  1.00 42.64 ? 28  ILE A CG1 1 
ATOM   177 C CG2 . ILE A 1 23 ? 6.580   1.002   -8.233  1.00 41.58 ? 28  ILE A CG2 1 
ATOM   178 C CD1 . ILE A 1 23 ? 8.479   1.650   -5.801  1.00 42.66 ? 28  ILE A CD1 1 
ATOM   179 N N   . LYS A 1 24 ? 3.787   -0.660  -6.227  1.00 37.72 ? 29  LYS A N   1 
ATOM   180 C CA  . LYS A 1 24 ? 3.066   -1.900  -6.459  1.00 38.63 ? 29  LYS A CA  1 
ATOM   181 C C   . LYS A 1 24 ? 2.758   -2.570  -5.138  1.00 37.66 ? 29  LYS A C   1 
ATOM   182 O O   . LYS A 1 24 ? 3.116   -2.050  -4.084  1.00 35.51 ? 29  LYS A O   1 
ATOM   183 C CB  . LYS A 1 24 ? 3.856   -2.848  -7.357  1.00 41.74 ? 29  LYS A CB  1 
ATOM   184 C CG  . LYS A 1 24 ? 5.333   -2.734  -7.256  1.00 43.93 ? 29  LYS A CG  1 
ATOM   185 C CD  . LYS A 1 24 ? 5.879   -3.582  -6.170  1.00 43.22 ? 29  LYS A CD  1 
ATOM   186 C CE  . LYS A 1 24 ? 7.369   -3.810  -6.387  1.00 43.31 ? 29  LYS A CE  1 
ATOM   187 N NZ  . LYS A 1 24 ? 7.866   -4.742  -5.323  1.00 41.96 ? 29  LYS A NZ  1 
ATOM   188 N N   . THR A 1 25 ? 2.101   -3.723  -5.199  1.00 37.79 ? 30  THR A N   1 
ATOM   189 C CA  . THR A 1 25 ? 1.692   -4.455  -4.003  1.00 39.32 ? 30  THR A CA  1 
ATOM   190 C C   . THR A 1 25 ? 2.277   -5.869  -3.874  1.00 40.44 ? 30  THR A C   1 
ATOM   191 O O   . THR A 1 25 ? 2.780   -6.434  -4.842  1.00 40.22 ? 30  THR A O   1 
ATOM   192 C CB  . THR A 1 25 ? 0.182   -4.541  -3.968  1.00 39.76 ? 30  THR A CB  1 
ATOM   193 O OG1 . THR A 1 25 ? -0.261  -5.259  -5.121  1.00 40.70 ? 30  THR A OG1 1 
ATOM   194 C CG2 . THR A 1 25 ? -0.423  -3.132  -4.023  1.00 38.37 ? 30  THR A CG2 1 
ATOM   195 N N   . THR A 1 26 ? 2.199   -6.424  -2.665  1.00 39.82 ? 31  THR A N   1 
ATOM   196 C CA  . THR A 1 26 ? 2.732   -7.746  -2.372  1.00 42.25 ? 31  THR A CA  1 
ATOM   197 C C   . THR A 1 26 ? 1.625   -8.745  -2.089  1.00 43.33 ? 31  THR A C   1 
ATOM   198 O O   . THR A 1 26 ? 0.632   -8.429  -1.439  1.00 43.02 ? 31  THR A O   1 
ATOM   199 C CB  . THR A 1 26 ? 3.691   -7.694  -1.157  1.00 41.60 ? 31  THR A CB  1 
ATOM   200 O OG1 . THR A 1 26 ? 4.792   -6.827  -1.456  1.00 41.53 ? 31  THR A OG1 1 
ATOM   201 C CG2 . THR A 1 26 ? 4.223   -9.082  -0.822  1.00 42.05 ? 31  THR A CG2 1 
ATOM   202 N N   . SER A 1 27 ? 1.793   -9.950  -2.619  1.00 45.96 ? 32  SER A N   1 
ATOM   203 C CA  . SER A 1 27 ? 0.823   -11.014 -2.420  1.00 47.50 ? 32  SER A CA  1 
ATOM   204 C C   . SER A 1 27 ? 1.418   -12.071 -1.502  1.00 48.46 ? 32  SER A C   1 
ATOM   205 O O   . SER A 1 27 ? 2.599   -12.017 -1.158  1.00 48.62 ? 32  SER A O   1 
ATOM   206 C CB  . SER A 1 27 ? 0.465   -11.645 -3.768  1.00 50.31 ? 32  SER A CB  1 
ATOM   207 O OG  . SER A 1 27 ? 1.641   -12.099 -4.434  1.00 51.86 ? 32  SER A OG  1 
ATOM   208 N N   . GLY A 1 28 ? 0.589   -13.028 -1.096  1.00 49.64 ? 33  GLY A N   1 
ATOM   209 C CA  . GLY A 1 28 ? 1.068   -14.096 -0.249  1.00 50.77 ? 33  GLY A CA  1 
ATOM   210 C C   . GLY A 1 28 ? 1.372   -13.724 1.185   1.00 51.80 ? 33  GLY A C   1 
ATOM   211 O O   . GLY A 1 28 ? 2.041   -14.480 1.890   1.00 51.29 ? 33  GLY A O   1 
ATOM   212 N N   . ILE A 1 29 ? 0.905   -12.565 1.628   1.00 50.84 ? 34  ILE A N   1 
ATOM   213 C CA  . ILE A 1 29 ? 1.149   -12.175 3.007   1.00 52.25 ? 34  ILE A CA  1 
ATOM   214 C C   . ILE A 1 29 ? 0.123   -12.818 3.916   1.00 52.36 ? 34  ILE A C   1 
ATOM   215 O O   . ILE A 1 29 ? -1.052  -12.918 3.570   1.00 53.38 ? 34  ILE A O   1 
ATOM   216 C CB  . ILE A 1 29 ? 1.085   -10.657 3.189   1.00 52.28 ? 34  ILE A CB  1 
ATOM   217 C CG1 . ILE A 1 29 ? 2.297   -10.017 2.516   1.00 52.54 ? 34  ILE A CG1 1 
ATOM   218 C CG2 . ILE A 1 29 ? 1.031   -10.313 4.678   1.00 51.55 ? 34  ILE A CG2 1 
ATOM   219 C CD1 . ILE A 1 29 ? 3.640   -10.452 3.109   1.00 54.20 ? 34  ILE A CD1 1 
ATOM   220 N N   . HIS A 1 30 ? 0.572   -13.250 5.087   1.00 53.63 ? 35  HIS A N   1 
ATOM   221 C CA  . HIS A 1 30 ? -0.311  -13.896 6.050   1.00 54.45 ? 35  HIS A CA  1 
ATOM   222 C C   . HIS A 1 30 ? -0.692  -12.945 7.185   1.00 53.81 ? 35  HIS A C   1 
ATOM   223 O O   . HIS A 1 30 ? 0.175   -12.297 7.775   1.00 53.40 ? 35  HIS A O   1 
ATOM   224 C CB  . HIS A 1 30 ? 0.382   -15.145 6.597   1.00 56.09 ? 35  HIS A CB  1 
ATOM   225 C CG  . HIS A 1 30 ? 0.688   -16.164 5.545   1.00 56.93 ? 35  HIS A CG  1 
ATOM   226 N ND1 . HIS A 1 30 ? -0.268  -16.634 4.669   1.00 57.70 ? 35  HIS A ND1 1 
ATOM   227 C CD2 . HIS A 1 30 ? 1.843   -16.793 5.216   1.00 58.37 ? 35  HIS A CD2 1 
ATOM   228 C CE1 . HIS A 1 30 ? 0.285   -17.507 3.845   1.00 57.65 ? 35  HIS A CE1 1 
ATOM   229 N NE2 . HIS A 1 30 ? 1.564   -17.621 4.157   1.00 59.32 ? 35  HIS A NE2 1 
ATOM   230 N N   . PRO A 1 31 ? -1.994  -12.871 7.523   1.00 52.79 ? 36  PRO A N   1 
ATOM   231 C CA  . PRO A 1 31 ? -2.480  -11.985 8.587   1.00 52.34 ? 36  PRO A CA  1 
ATOM   232 C C   . PRO A 1 31 ? -1.610  -12.023 9.837   1.00 52.22 ? 36  PRO A C   1 
ATOM   233 O O   . PRO A 1 31 ? -1.465  -11.013 10.538  1.00 50.61 ? 36  PRO A O   1 
ATOM   234 C CB  . PRO A 1 31 ? -3.887  -12.507 8.863   1.00 52.35 ? 36  PRO A CB  1 
ATOM   235 C CG  . PRO A 1 31 ? -4.295  -13.091 7.554   1.00 52.57 ? 36  PRO A CG  1 
ATOM   236 C CD  . PRO A 1 31 ? -3.057  -13.800 7.099   1.00 52.55 ? 36  PRO A CD  1 
ATOM   237 N N   . LYS A 1 32 ? -1.034  -13.192 10.111  1.00 51.39 ? 37  LYS A N   1 
ATOM   238 C CA  . LYS A 1 32 ? -0.206  -13.369 11.292  1.00 52.47 ? 37  LYS A CA  1 
ATOM   239 C C   . LYS A 1 32 ? 1.072   -12.537 11.239  1.00 51.13 ? 37  LYS A C   1 
ATOM   240 O O   . LYS A 1 32 ? 1.581   -12.126 12.277  1.00 52.62 ? 37  LYS A O   1 
ATOM   241 C CB  . LYS A 1 32 ? 0.139   -14.857 11.484  1.00 54.46 ? 37  LYS A CB  1 
ATOM   242 C CG  . LYS A 1 32 ? 0.670   -15.209 12.886  1.00 56.72 ? 37  LYS A CG  1 
ATOM   243 C CD  . LYS A 1 32 ? 0.871   -16.726 13.065  1.00 58.95 ? 37  LYS A CD  1 
ATOM   244 C CE  . LYS A 1 32 ? 1.387   -17.075 14.464  1.00 59.84 ? 37  LYS A CE  1 
ATOM   245 N NZ  . LYS A 1 32 ? 1.677   -18.542 14.633  1.00 60.83 ? 37  LYS A NZ  1 
ATOM   246 N N   . ASN A 1 33 ? 1.580   -12.276 10.038  1.00 50.63 ? 38  ASN A N   1 
ATOM   247 C CA  . ASN A 1 33 ? 2.802   -11.492 9.878   1.00 49.53 ? 38  ASN A CA  1 
ATOM   248 C C   . ASN A 1 33 ? 2.560   -9.993  10.032  1.00 46.48 ? 38  ASN A C   1 
ATOM   249 O O   . ASN A 1 33 ? 3.510   -9.235  10.225  1.00 46.23 ? 38  ASN A O   1 
ATOM   250 C CB  . ASN A 1 33 ? 3.426   -11.746 8.495   1.00 52.47 ? 38  ASN A CB  1 
ATOM   251 C CG  . ASN A 1 33 ? 3.818   -13.204 8.281   1.00 56.61 ? 38  ASN A CG  1 
ATOM   252 O OD1 . ASN A 1 33 ? 4.674   -13.740 8.986   1.00 59.61 ? 38  ASN A OD1 1 
ATOM   253 N ND2 . ASN A 1 33 ? 3.194   -13.847 7.297   1.00 58.54 ? 38  ASN A ND2 1 
ATOM   254 N N   . ILE A 1 34 ? 1.296   -9.579  9.953   1.00 42.94 ? 39  ILE A N   1 
ATOM   255 C CA  . ILE A 1 34 ? 0.935   -8.168  10.028  1.00 40.33 ? 39  ILE A CA  1 
ATOM   256 C C   . ILE A 1 34 ? 0.792   -7.627  11.432  1.00 41.30 ? 39  ILE A C   1 
ATOM   257 O O   . ILE A 1 34 ? -0.017  -8.117  12.226  1.00 40.16 ? 39  ILE A O   1 
ATOM   258 C CB  . ILE A 1 34 ? -0.389  -7.886  9.293   1.00 40.76 ? 39  ILE A CB  1 
ATOM   259 C CG1 . ILE A 1 34 ? -0.265  -8.314  7.832   1.00 40.71 ? 39  ILE A CG1 1 
ATOM   260 C CG2 . ILE A 1 34 ? -0.746  -6.371  9.401   1.00 40.12 ? 39  ILE A CG2 1 
ATOM   261 C CD1 . ILE A 1 34 ? -1.572  -8.249  7.068   1.00 40.89 ? 39  ILE A CD1 1 
ATOM   262 N N   . GLN A 1 35 ? 1.564   -6.593  11.736  1.00 40.21 ? 40  GLN A N   1 
ATOM   263 C CA  . GLN A 1 35 ? 1.484   -5.979  13.055  1.00 40.35 ? 40  GLN A CA  1 
ATOM   264 C C   . GLN A 1 35 ? 0.433   -4.879  13.035  1.00 39.64 ? 40  GLN A C   1 
ATOM   265 O O   . GLN A 1 35 ? -0.330  -4.707  13.984  1.00 39.74 ? 40  GLN A O   1 
ATOM   266 C CB  . GLN A 1 35 ? 2.830   -5.393  13.446  1.00 44.16 ? 40  GLN A CB  1 
ATOM   267 C CG  . GLN A 1 35 ? 2.771   -4.523  14.676  1.00 48.92 ? 40  GLN A CG  1 
ATOM   268 C CD  . GLN A 1 35 ? 3.544   -3.249  14.476  1.00 54.01 ? 40  GLN A CD  1 
ATOM   269 O OE1 . GLN A 1 35 ? 3.139   -2.370  13.703  1.00 54.13 ? 40  GLN A OE1 1 
ATOM   270 N NE2 . GLN A 1 35 ? 4.684   -3.144  15.150  1.00 55.83 ? 40  GLN A NE2 1 
ATOM   271 N N   . SER A 1 36 ? 0.404   -4.119  11.948  1.00 37.32 ? 41  SER A N   1 
ATOM   272 C CA  . SER A 1 36 ? -0.569  -3.064  11.817  1.00 36.48 ? 41  SER A CA  1 
ATOM   273 C C   . SER A 1 36 ? -0.670  -2.699  10.359  1.00 33.66 ? 41  SER A C   1 
ATOM   274 O O   . SER A 1 36 ? 0.206   -3.028  9.576   1.00 33.52 ? 41  SER A O   1 
ATOM   275 C CB  . SER A 1 36 ? -0.145  -1.838  12.626  1.00 36.33 ? 41  SER A CB  1 
ATOM   276 O OG  . SER A 1 36 ? 0.916   -1.161  11.991  1.00 35.96 ? 41  SER A OG  1 
ATOM   277 N N   . LEU A 1 37 ? -1.743  -2.019  9.991   1.00 33.00 ? 42  LEU A N   1 
ATOM   278 C CA  . LEU A 1 37 ? -1.884  -1.602  8.615   1.00 33.23 ? 42  LEU A CA  1 
ATOM   279 C C   . LEU A 1 37 ? -2.633  -0.301  8.539   1.00 34.61 ? 42  LEU A C   1 
ATOM   280 O O   . LEU A 1 37 ? -3.453  0.019   9.412   1.00 33.31 ? 42  LEU A O   1 
ATOM   281 C CB  . LEU A 1 37 ? -2.560  -2.691  7.765   1.00 35.65 ? 42  LEU A CB  1 
ATOM   282 C CG  . LEU A 1 37 ? -3.983  -2.990  8.218   1.00 35.41 ? 42  LEU A CG  1 
ATOM   283 C CD1 . LEU A 1 37 ? -4.948  -2.024  7.567   1.00 33.97 ? 42  LEU A CD1 1 
ATOM   284 C CD2 . LEU A 1 37 ? -4.327  -4.412  7.808   1.00 36.47 ? 42  LEU A CD2 1 
ATOM   285 N N   . GLU A 1 38 ? -2.329  0.462   7.502   1.00 33.41 ? 43  GLU A N   1 
ATOM   286 C CA  . GLU A 1 38 ? -2.987  1.733   7.310   1.00 35.45 ? 43  GLU A CA  1 
ATOM   287 C C   . GLU A 1 38 ? -3.710  1.733   5.984   1.00 34.83 ? 43  GLU A C   1 
ATOM   288 O O   . GLU A 1 38 ? -3.139  1.354   4.954   1.00 32.40 ? 43  GLU A O   1 
ATOM   289 C CB  . GLU A 1 38 ? -1.971  2.875   7.319   1.00 38.13 ? 43  GLU A CB  1 
ATOM   290 C CG  . GLU A 1 38 ? -2.569  4.168   6.793   1.00 43.90 ? 43  GLU A CG  1 
ATOM   291 C CD  . GLU A 1 38 ? -1.656  5.356   6.941   1.00 46.94 ? 43  GLU A CD  1 
ATOM   292 O OE1 . GLU A 1 38 ? -0.422  5.183   6.822   1.00 48.75 ? 43  GLU A OE1 1 
ATOM   293 O OE2 . GLU A 1 38 ? -2.184  6.469   7.161   1.00 50.09 ? 43  GLU A OE2 1 
ATOM   294 N N   . VAL A 1 39 ? -4.970  2.157   6.027   1.00 34.64 ? 44  VAL A N   1 
ATOM   295 C CA  . VAL A 1 39 ? -5.811  2.258   4.838   1.00 33.51 ? 44  VAL A CA  1 
ATOM   296 C C   . VAL A 1 39 ? -5.929  3.752   4.546   1.00 34.51 ? 44  VAL A C   1 
ATOM   297 O O   . VAL A 1 39 ? -6.473  4.519   5.362   1.00 34.61 ? 44  VAL A O   1 
ATOM   298 C CB  . VAL A 1 39 ? -7.211  1.671   5.112   1.00 34.84 ? 44  VAL A CB  1 
ATOM   299 C CG1 . VAL A 1 39 ? -8.084  1.794   3.872   1.00 33.45 ? 44  VAL A CG1 1 
ATOM   300 C CG2 . VAL A 1 39 ? -7.082  0.211   5.547   1.00 33.96 ? 44  VAL A CG2 1 
ATOM   301 N N   . ILE A 1 40 ? -5.407  4.177   3.399   1.00 34.15 ? 45  ILE A N   1 
ATOM   302 C CA  . ILE A 1 40 ? -5.441  5.592   3.037   1.00 35.69 ? 45  ILE A CA  1 
ATOM   303 C C   . ILE A 1 40 ? -6.411  5.813   1.893   1.00 36.84 ? 45  ILE A C   1 
ATOM   304 O O   . ILE A 1 40 ? -6.315  5.161   0.862   1.00 35.83 ? 45  ILE A O   1 
ATOM   305 C CB  . ILE A 1 40 ? -4.048  6.073   2.605   1.00 36.90 ? 45  ILE A CB  1 
ATOM   306 C CG1 . ILE A 1 40 ? -3.013  5.655   3.658   1.00 37.93 ? 45  ILE A CG1 1 
ATOM   307 C CG2 . ILE A 1 40 ? -4.044  7.618   2.438   1.00 36.42 ? 45  ILE A CG2 1 
ATOM   308 C CD1 . ILE A 1 40 ? -1.571  5.684   3.140   1.00 39.25 ? 45  ILE A CD1 1 
ATOM   309 N N   . GLY A 1 41 ? -7.356  6.726   2.078   1.00 38.39 ? 46  GLY A N   1 
ATOM   310 C CA  . GLY A 1 41 ? -8.323  6.989   1.033   1.00 39.43 ? 46  GLY A CA  1 
ATOM   311 C C   . GLY A 1 41 ? -7.677  7.726   -0.118  1.00 40.64 ? 46  GLY A C   1 
ATOM   312 O O   . GLY A 1 41 ? -6.546  8.185   -0.016  1.00 37.21 ? 46  GLY A O   1 
ATOM   313 N N   . LYS A 1 42 ? -8.414  7.846   -1.217  1.00 43.75 ? 47  LYS A N   1 
ATOM   314 C CA  . LYS A 1 42 ? -7.926  8.528   -2.399  1.00 47.52 ? 47  LYS A CA  1 
ATOM   315 C C   . LYS A 1 42 ? -7.628  9.984   -2.097  1.00 48.81 ? 47  LYS A C   1 
ATOM   316 O O   . LYS A 1 42 ? -8.331  10.617  -1.311  1.00 49.82 ? 47  LYS A O   1 
ATOM   317 C CB  . LYS A 1 42 ? -8.957  8.390   -3.529  1.00 47.67 ? 47  LYS A CB  1 
ATOM   318 C CG  . LYS A 1 42 ? -9.076  6.955   -4.019  1.00 50.59 ? 47  LYS A CG  1 
ATOM   319 C CD  . LYS A 1 42 ? -10.127 6.777   -5.110  1.00 53.61 ? 47  LYS A CD  1 
ATOM   320 C CE  . LYS A 1 42 ? -11.529 6.793   -4.527  1.00 55.38 ? 47  LYS A CE  1 
ATOM   321 N NZ  . LYS A 1 42 ? -12.580 6.606   -5.571  1.00 58.62 ? 47  LYS A NZ  1 
ATOM   322 N N   . GLY A 1 43 ? -6.562  10.498  -2.701  1.00 50.47 ? 48  GLY A N   1 
ATOM   323 C CA  . GLY A 1 43 ? -6.176  11.879  -2.481  1.00 52.94 ? 48  GLY A CA  1 
ATOM   324 C C   . GLY A 1 43 ? -6.118  12.655  -3.783  1.00 54.81 ? 48  GLY A C   1 
ATOM   325 O O   . GLY A 1 43 ? -6.424  12.111  -4.842  1.00 55.03 ? 48  GLY A O   1 
ATOM   326 N N   . THR A 1 44 ? -5.711  13.919  -3.709  1.00 56.16 ? 49  THR A N   1 
ATOM   327 C CA  . THR A 1 44 ? -5.638  14.776  -4.888  1.00 57.97 ? 49  THR A CA  1 
ATOM   328 C C   . THR A 1 44 ? -4.837  14.164  -6.037  1.00 57.62 ? 49  THR A C   1 
ATOM   329 O O   . THR A 1 44 ? -5.323  14.105  -7.169  1.00 58.20 ? 49  THR A O   1 
ATOM   330 C CB  . THR A 1 44 ? -5.052  16.163  -4.536  1.00 59.34 ? 49  THR A CB  1 
ATOM   331 O OG1 . THR A 1 44 ? -3.769  16.002  -3.915  1.00 62.00 ? 49  THR A OG1 1 
ATOM   332 C CG2 . THR A 1 44 ? -5.988  16.907  -3.592  1.00 59.57 ? 49  THR A CG2 1 
ATOM   333 N N   . HIS A 1 45 ? -3.615  13.715  -5.762  1.00 55.79 ? 50  HIS A N   1 
ATOM   334 C CA  . HIS A 1 45 ? -2.818  13.112  -6.820  1.00 53.40 ? 50  HIS A CA  1 
ATOM   335 C C   . HIS A 1 45 ? -2.568  11.626  -6.641  1.00 50.50 ? 50  HIS A C   1 
ATOM   336 O O   . HIS A 1 45 ? -1.517  11.106  -7.008  1.00 48.66 ? 50  HIS A O   1 
ATOM   337 C CB  . HIS A 1 45 ? -1.497  13.853  -7.005  1.00 56.62 ? 50  HIS A CB  1 
ATOM   338 C CG  . HIS A 1 45 ? -1.614  15.080  -7.855  1.00 59.68 ? 50  HIS A CG  1 
ATOM   339 N ND1 . HIS A 1 45 ? -2.415  16.147  -7.512  1.00 60.28 ? 50  HIS A ND1 1 
ATOM   340 C CD2 . HIS A 1 45 ? -1.062  15.397  -9.054  1.00 60.95 ? 50  HIS A CD2 1 
ATOM   341 C CE1 . HIS A 1 45 ? -2.357  17.068  -8.459  1.00 61.45 ? 50  HIS A CE1 1 
ATOM   342 N NE2 . HIS A 1 45 ? -1.541  16.634  -9.407  1.00 61.89 ? 50  HIS A NE2 1 
ATOM   343 N N   . CYS A 1 46 ? -3.553  10.952  -6.069  1.00 46.50 ? 51  CYS A N   1 
ATOM   344 C CA  . CYS A 1 46 ? -3.500  9.515   -5.896  1.00 43.60 ? 51  CYS A CA  1 
ATOM   345 C C   . CYS A 1 46 ? -4.934  9.033   -5.893  1.00 42.87 ? 51  CYS A C   1 
ATOM   346 O O   . CYS A 1 46 ? -5.614  9.086   -4.873  1.00 40.32 ? 51  CYS A O   1 
ATOM   347 C CB  . CYS A 1 46 ? -2.803  9.107   -4.599  1.00 40.13 ? 51  CYS A CB  1 
ATOM   348 S SG  . CYS A 1 46 ? -2.695  7.293   -4.575  1.00 36.36 ? 51  CYS A SG  1 
ATOM   349 N N   . ASN A 1 47 ? -5.394  8.587   -7.059  1.00 42.80 ? 52  ASN A N   1 
ATOM   350 C CA  . ASN A 1 47 ? -6.767  8.117   -7.214  1.00 43.09 ? 52  ASN A CA  1 
ATOM   351 C C   . ASN A 1 47 ? -6.904  6.652   -6.832  1.00 43.33 ? 52  ASN A C   1 
ATOM   352 O O   . ASN A 1 47 ? -7.811  5.964   -7.287  1.00 44.19 ? 52  ASN A O   1 
ATOM   353 C CB  . ASN A 1 47 ? -7.222  8.313   -8.665  1.00 43.96 ? 52  ASN A CB  1 
ATOM   354 C CG  . ASN A 1 47 ? -6.516  7.374   -9.627  1.00 43.85 ? 52  ASN A CG  1 
ATOM   355 O OD1 . ASN A 1 47 ? -5.490  6.782   -9.290  1.00 43.56 ? 52  ASN A OD1 1 
ATOM   356 N ND2 . ASN A 1 47 ? -7.057  7.240   -10.830 1.00 43.69 ? 52  ASN A ND2 1 
ATOM   357 N N   . GLN A 1 48 ? -6.001  6.168   -5.996  1.00 42.88 ? 53  GLN A N   1 
ATOM   358 C CA  . GLN A 1 48 ? -6.074  4.781   -5.560  1.00 42.32 ? 53  GLN A CA  1 
ATOM   359 C C   . GLN A 1 48 ? -6.089  4.718   -4.045  1.00 40.50 ? 53  GLN A C   1 
ATOM   360 O O   . GLN A 1 48 ? -5.416  5.501   -3.386  1.00 38.26 ? 53  GLN A O   1 
ATOM   361 C CB  . GLN A 1 48 ? -4.857  3.989   -6.029  1.00 43.46 ? 53  GLN A CB  1 
ATOM   362 C CG  . GLN A 1 48 ? -4.777  3.691   -7.509  1.00 49.35 ? 53  GLN A CG  1 
ATOM   363 C CD  . GLN A 1 48 ? -3.586  2.805   -7.802  1.00 51.71 ? 53  GLN A CD  1 
ATOM   364 O OE1 . GLN A 1 48 ? -2.500  3.049   -7.290  1.00 53.64 ? 53  GLN A OE1 1 
ATOM   365 N NE2 . GLN A 1 48 ? -3.781  1.763   -8.621  1.00 53.57 ? 53  GLN A NE2 1 
ATOM   366 N N   . VAL A 1 49 ? -6.860  3.790   -3.503  1.00 39.88 ? 54  VAL A N   1 
ATOM   367 C CA  . VAL A 1 49 ? -6.888  3.588   -2.068  1.00 38.21 ? 54  VAL A CA  1 
ATOM   368 C C   . VAL A 1 49 ? -5.594  2.815   -1.832  1.00 38.27 ? 54  VAL A C   1 
ATOM   369 O O   . VAL A 1 49 ? -5.272  1.903   -2.587  1.00 38.32 ? 54  VAL A O   1 
ATOM   370 C CB  . VAL A 1 49 ? -8.078  2.689   -1.619  1.00 38.83 ? 54  VAL A CB  1 
ATOM   371 C CG1 . VAL A 1 49 ? -7.850  2.233   -0.188  1.00 36.30 ? 54  VAL A CG1 1 
ATOM   372 C CG2 . VAL A 1 49 ? -9.409  3.450   -1.716  1.00 36.66 ? 54  VAL A CG2 1 
ATOM   373 N N   . GLU A 1 50 ? -4.849  3.173   -0.797  1.00 36.60 ? 55  GLU A N   1 
ATOM   374 C CA  . GLU A 1 50 ? -3.611  2.468   -0.516  1.00 35.80 ? 55  GLU A CA  1 
ATOM   375 C C   . GLU A 1 50 ? -3.669  1.784   0.846   1.00 34.82 ? 55  GLU A C   1 
ATOM   376 O O   . GLU A 1 50 ? -4.258  2.313   1.776   1.00 33.61 ? 55  GLU A O   1 
ATOM   377 C CB  . GLU A 1 50 ? -2.437  3.448   -0.595  1.00 35.26 ? 55  GLU A CB  1 
ATOM   378 C CG  . GLU A 1 50 ? -2.288  4.063   -1.991  1.00 35.74 ? 55  GLU A CG  1 
ATOM   379 C CD  . GLU A 1 50 ? -0.924  4.671   -2.255  1.00 36.73 ? 55  GLU A CD  1 
ATOM   380 O OE1 . GLU A 1 50 ? -0.558  5.671   -1.588  1.00 37.20 ? 55  GLU A OE1 1 
ATOM   381 O OE2 . GLU A 1 50 ? -0.213  4.155   -3.137  1.00 34.59 ? 55  GLU A OE2 1 
ATOM   382 N N   . VAL A 1 51 ? -3.061  0.603   0.940   1.00 34.51 ? 56  VAL A N   1 
ATOM   383 C CA  . VAL A 1 51 ? -3.025  -0.190  2.169   1.00 35.52 ? 56  VAL A CA  1 
ATOM   384 C C   . VAL A 1 51 ? -1.564  -0.535  2.452   1.00 36.35 ? 56  VAL A C   1 
ATOM   385 O O   . VAL A 1 51 ? -0.972  -1.383  1.764   1.00 35.04 ? 56  VAL A O   1 
ATOM   386 C CB  . VAL A 1 51 ? -3.830  -1.507  2.005   1.00 34.26 ? 56  VAL A CB  1 
ATOM   387 C CG1 . VAL A 1 51 ? -3.809  -2.302  3.289   1.00 34.89 ? 56  VAL A CG1 1 
ATOM   388 C CG2 . VAL A 1 51 ? -5.267  -1.181  1.606   1.00 37.24 ? 56  VAL A CG2 1 
ATOM   389 N N   . ILE A 1 52 ? -0.991  0.129   3.458   1.00 35.51 ? 57  ILE A N   1 
ATOM   390 C CA  . ILE A 1 52 ? 0.413   -0.074  3.817   1.00 33.89 ? 57  ILE A CA  1 
ATOM   391 C C   . ILE A 1 52 ? 0.465   -0.880  5.108   1.00 34.29 ? 57  ILE A C   1 
ATOM   392 O O   . ILE A 1 52 ? 0.059   -0.396  6.170   1.00 33.94 ? 57  ILE A O   1 
ATOM   393 C CB  . ILE A 1 52 ? 1.130   1.300   3.981   1.00 33.22 ? 57  ILE A CB  1 
ATOM   394 C CG1 . ILE A 1 52 ? 1.006   2.105   2.678   1.00 35.51 ? 57  ILE A CG1 1 
ATOM   395 C CG2 . ILE A 1 52 ? 2.608   1.102   4.339   1.00 35.95 ? 57  ILE A CG2 1 
ATOM   396 C CD1 . ILE A 1 52 ? 1.528   3.513   2.734   1.00 37.79 ? 57  ILE A CD1 1 
ATOM   397 N N   . ALA A 1 53 ? 0.934   -2.122  5.003   1.00 32.91 ? 58  ALA A N   1 
ATOM   398 C CA  . ALA A 1 53 ? 1.021   -3.008  6.159   1.00 32.89 ? 58  ALA A CA  1 
ATOM   399 C C   . ALA A 1 53 ? 2.410   -3.055  6.757   1.00 34.01 ? 58  ALA A C   1 
ATOM   400 O O   . ALA A 1 53 ? 3.414   -3.164  6.036   1.00 32.98 ? 58  ALA A O   1 
ATOM   401 C CB  . ALA A 1 53 ? 0.585   -4.415  5.770   1.00 32.86 ? 58  ALA A CB  1 
ATOM   402 N N   . THR A 1 54 ? 2.475   -2.967  8.080   1.00 34.65 ? 59  THR A N   1 
ATOM   403 C CA  . THR A 1 54 ? 3.761   -3.058  8.765   1.00 34.32 ? 59  THR A CA  1 
ATOM   404 C C   . THR A 1 54 ? 3.820   -4.440  9.386   1.00 35.28 ? 59  THR A C   1 
ATOM   405 O O   . THR A 1 54 ? 2.996   -4.777  10.242  1.00 33.11 ? 59  THR A O   1 
ATOM   406 C CB  . THR A 1 54 ? 3.894   -1.983  9.849   1.00 35.06 ? 59  THR A CB  1 
ATOM   407 O OG1 . THR A 1 54 ? 3.758   -0.698  9.231   1.00 33.36 ? 59  THR A OG1 1 
ATOM   408 C CG2 . THR A 1 54 ? 5.266   -2.055  10.520  1.00 34.39 ? 59  THR A CG2 1 
ATOM   409 N N   . LEU A 1 55 ? 4.780   -5.247  8.940   1.00 35.24 ? 60  LEU A N   1 
ATOM   410 C CA  . LEU A 1 55 ? 4.924   -6.618  9.450   1.00 37.00 ? 60  LEU A CA  1 
ATOM   411 C C   . LEU A 1 55 ? 5.609   -6.645  10.799  1.00 37.94 ? 60  LEU A C   1 
ATOM   412 O O   . LEU A 1 55 ? 6.271   -5.676  11.192  1.00 35.79 ? 60  LEU A O   1 
ATOM   413 C CB  . LEU A 1 55 ? 5.718   -7.486  8.469   1.00 37.93 ? 60  LEU A CB  1 
ATOM   414 C CG  . LEU A 1 55 ? 5.115   -7.406  7.065   1.00 40.46 ? 60  LEU A CG  1 
ATOM   415 C CD1 . LEU A 1 55 ? 5.836   -8.421  6.178   1.00 41.27 ? 60  LEU A CD1 1 
ATOM   416 C CD2 . LEU A 1 55 ? 3.602   -7.699  7.080   1.00 42.37 ? 60  LEU A CD2 1 
ATOM   417 N N   . LYS A 1 56 ? 5.449   -7.757  11.515  1.00 38.69 ? 61  LYS A N   1 
ATOM   418 C CA  . LYS A 1 56 ? 6.039   -7.877  12.834  1.00 39.81 ? 61  LYS A CA  1 
ATOM   419 C C   . LYS A 1 56 ? 7.554   -7.730  12.813  1.00 41.01 ? 61  LYS A C   1 
ATOM   420 O O   . LYS A 1 56 ? 8.149   -7.359  13.827  1.00 41.56 ? 61  LYS A O   1 
ATOM   421 C CB  . LYS A 1 56 ? 5.622   -9.194  13.475  1.00 41.56 ? 61  LYS A CB  1 
ATOM   422 C CG  . LYS A 1 56 ? 4.126   -9.248  13.773  1.00 42.20 ? 61  LYS A CG  1 
ATOM   423 C CD  . LYS A 1 56 ? 3.770   -10.433 14.655  1.00 46.32 ? 61  LYS A CD  1 
ATOM   424 C CE  . LYS A 1 56 ? 2.263   -10.670 14.681  1.00 48.73 ? 61  LYS A CE  1 
ATOM   425 N NZ  . LYS A 1 56 ? 1.502   -9.437  15.006  1.00 49.79 ? 61  LYS A NZ  1 
ATOM   426 N N   . ASP A 1 57 ? 8.181   -7.999  11.667  1.00 41.16 ? 62  ASP A N   1 
ATOM   427 C CA  . ASP A 1 57 ? 9.640   -7.829  11.584  1.00 42.77 ? 62  ASP A CA  1 
ATOM   428 C C   . ASP A 1 57 ? 10.045  -6.442  11.067  1.00 42.16 ? 62  ASP A C   1 
ATOM   429 O O   . ASP A 1 57 ? 11.215  -6.191  10.783  1.00 42.86 ? 62  ASP A O   1 
ATOM   430 C CB  . ASP A 1 57 ? 10.287  -8.909  10.708  1.00 43.91 ? 62  ASP A CB  1 
ATOM   431 C CG  . ASP A 1 57 ? 9.680   -9.007  9.328   1.00 46.31 ? 62  ASP A CG  1 
ATOM   432 O OD1 . ASP A 1 57 ? 9.187   -7.987  8.792   1.00 46.20 ? 62  ASP A OD1 1 
ATOM   433 O OD2 . ASP A 1 57 ? 9.716   -10.119 8.765   1.00 48.78 ? 62  ASP A OD2 1 
ATOM   434 N N   . GLY A 1 58 ? 9.073   -5.538  10.955  1.00 40.99 ? 63  GLY A N   1 
ATOM   435 C CA  . GLY A 1 58 ? 9.368   -4.184  10.503  1.00 39.59 ? 63  GLY A CA  1 
ATOM   436 C C   . GLY A 1 58 ? 9.272   -3.935  9.001   1.00 37.35 ? 63  GLY A C   1 
ATOM   437 O O   . GLY A 1 58 ? 9.370   -2.787  8.547   1.00 36.88 ? 63  GLY A O   1 
ATOM   438 N N   . ARG A 1 59 ? 9.073   -4.994  8.220   1.00 36.38 ? 64  ARG A N   1 
ATOM   439 C CA  . ARG A 1 59 ? 8.984   -4.823  6.779   1.00 35.91 ? 64  ARG A CA  1 
ATOM   440 C C   . ARG A 1 59 ? 7.687   -4.098  6.463   1.00 35.44 ? 64  ARG A C   1 
ATOM   441 O O   . ARG A 1 59 ? 6.671   -4.347  7.099   1.00 32.38 ? 64  ARG A O   1 
ATOM   442 C CB  . ARG A 1 59 ? 9.006   -6.175  6.056   1.00 36.96 ? 64  ARG A CB  1 
ATOM   443 C CG  . ARG A 1 59 ? 9.094   -6.033  4.514   1.00 39.15 ? 64  ARG A CG  1 
ATOM   444 C CD  . ARG A 1 59 ? 8.998   -7.382  3.799   1.00 42.11 ? 64  ARG A CD  1 
ATOM   445 N NE  . ARG A 1 59 ? 8.994   -7.246  2.342   1.00 43.98 ? 64  ARG A NE  1 
ATOM   446 C CZ  . ARG A 1 59 ? 8.574   -8.194  1.508   1.00 44.82 ? 64  ARG A CZ  1 
ATOM   447 N NH1 . ARG A 1 59 ? 8.123   -9.347  1.983   1.00 46.14 ? 64  ARG A NH1 1 
ATOM   448 N NH2 . ARG A 1 59 ? 8.597   -7.990  0.197   1.00 46.51 ? 64  ARG A NH2 1 
ATOM   449 N N   . LYS A 1 60 ? 7.732   -3.182  5.498   1.00 35.06 ? 65  LYS A N   1 
ATOM   450 C CA  . LYS A 1 60 ? 6.535   -2.456  5.089   1.00 35.06 ? 65  LYS A CA  1 
ATOM   451 C C   . LYS A 1 60 ? 6.205   -2.816  3.645   1.00 34.14 ? 65  LYS A C   1 
ATOM   452 O O   . LYS A 1 60 ? 7.051   -2.688  2.777   1.00 32.32 ? 65  LYS A O   1 
ATOM   453 C CB  . LYS A 1 60 ? 6.742   -0.945  5.180   1.00 38.18 ? 65  LYS A CB  1 
ATOM   454 C CG  . LYS A 1 60 ? 7.021   -0.412  6.558   1.00 39.50 ? 65  LYS A CG  1 
ATOM   455 C CD  . LYS A 1 60 ? 6.621   1.041   6.627   1.00 43.72 ? 65  LYS A CD  1 
ATOM   456 C CE  . LYS A 1 60 ? 6.925   1.637   7.993   1.00 47.14 ? 65  LYS A CE  1 
ATOM   457 N NZ  . LYS A 1 60 ? 6.415   3.050   8.096   1.00 50.57 ? 65  LYS A NZ  1 
ATOM   458 N N   . ILE A 1 61 ? 4.975   -3.252  3.403   1.00 33.28 ? 66  ILE A N   1 
ATOM   459 C CA  . ILE A 1 61 ? 4.531   -3.621  2.067   1.00 33.79 ? 66  ILE A CA  1 
ATOM   460 C C   . ILE A 1 61 ? 3.172   -3.004  1.813   1.00 33.91 ? 66  ILE A C   1 
ATOM   461 O O   . ILE A 1 61 ? 2.463   -2.618  2.744   1.00 36.42 ? 66  ILE A O   1 
ATOM   462 C CB  . ILE A 1 61 ? 4.371   -5.148  1.931   1.00 34.73 ? 66  ILE A CB  1 
ATOM   463 C CG1 . ILE A 1 61 ? 3.356   -5.632  2.962   1.00 37.12 ? 66  ILE A CG1 1 
ATOM   464 C CG2 . ILE A 1 61 ? 5.711   -5.835  2.152   1.00 34.96 ? 66  ILE A CG2 1 
ATOM   465 C CD1 . ILE A 1 61 ? 2.947   -7.059  2.807   1.00 38.90 ? 66  ILE A CD1 1 
ATOM   466 N N   . CYS A 1 62 ? 2.807   -2.913  0.547   1.00 31.47 ? 67  CYS A N   1 
ATOM   467 C CA  . CYS A 1 62 ? 1.503   -2.386  0.191   1.00 32.82 ? 67  CYS A CA  1 
ATOM   468 C C   . CYS A 1 62 ? 0.663   -3.595  -0.184  1.00 34.04 ? 67  CYS A C   1 
ATOM   469 O O   . CYS A 1 62 ? 1.199   -4.587  -0.686  1.00 33.35 ? 67  CYS A O   1 
ATOM   470 C CB  . CYS A 1 62 ? 1.621   -1.438  -0.986  1.00 32.05 ? 67  CYS A CB  1 
ATOM   471 S SG  . CYS A 1 62 ? 2.573   0.055   -0.595  1.00 32.70 ? 67  CYS A SG  1 
ATOM   472 N N   . LEU A 1 63 ? -0.633  -3.520  0.094   1.00 34.55 ? 68  LEU A N   1 
ATOM   473 C CA  . LEU A 1 63 ? -1.567  -4.608  -0.191  1.00 35.50 ? 68  LEU A CA  1 
ATOM   474 C C   . LEU A 1 63 ? -2.625  -4.122  -1.180  1.00 37.48 ? 68  LEU A C   1 
ATOM   475 O O   . LEU A 1 63 ? -2.970  -2.922  -1.193  1.00 35.44 ? 68  LEU A O   1 
ATOM   476 C CB  . LEU A 1 63 ? -2.243  -5.084  1.104   1.00 34.93 ? 68  LEU A CB  1 
ATOM   477 C CG  . LEU A 1 63 ? -1.209  -5.614  2.128   1.00 32.96 ? 68  LEU A CG  1 
ATOM   478 C CD1 . LEU A 1 63 ? -1.943  -5.978  3.411   1.00 33.10 ? 68  LEU A CD1 1 
ATOM   479 C CD2 . LEU A 1 63 ? -0.451  -6.840  1.621   1.00 32.16 ? 68  LEU A CD2 1 
ATOM   480 N N   . ASP A 1 64 ? -3.132  -5.040  -2.006  1.00 37.57 ? 69  ASP A N   1 
ATOM   481 C CA  . ASP A 1 64 ? -4.142  -4.686  -3.013  1.00 40.21 ? 69  ASP A CA  1 
ATOM   482 C C   . ASP A 1 64 ? -5.498  -4.508  -2.356  1.00 40.91 ? 69  ASP A C   1 
ATOM   483 O O   . ASP A 1 64 ? -6.112  -5.475  -1.919  1.00 42.20 ? 69  ASP A O   1 
ATOM   484 C CB  . ASP A 1 64 ? -4.232  -5.779  -4.091  1.00 42.74 ? 69  ASP A CB  1 
ATOM   485 C CG  . ASP A 1 64 ? -5.120  -5.373  -5.275  1.00 44.93 ? 69  ASP A CG  1 
ATOM   486 O OD1 . ASP A 1 64 ? -5.736  -4.286  -5.229  1.00 46.23 ? 69  ASP A OD1 1 
ATOM   487 O OD2 . ASP A 1 64 ? -5.192  -6.151  -6.254  1.00 45.69 ? 69  ASP A OD2 1 
ATOM   488 N N   . PRO A 1 65 ? -5.992  -3.266  -2.285  1.00 41.88 ? 70  PRO A N   1 
ATOM   489 C CA  . PRO A 1 65 ? -7.293  -2.976  -1.670  1.00 43.49 ? 70  PRO A CA  1 
ATOM   490 C C   . PRO A 1 65 ? -8.451  -3.758  -2.328  1.00 45.14 ? 70  PRO A C   1 
ATOM   491 O O   . PRO A 1 65 ? -9.425  -4.154  -1.674  1.00 43.45 ? 70  PRO A O   1 
ATOM   492 C CB  . PRO A 1 65 ? -7.471  -1.472  -1.897  1.00 41.78 ? 70  PRO A CB  1 
ATOM   493 C CG  . PRO A 1 65 ? -6.163  -0.984  -2.350  1.00 44.38 ? 70  PRO A CG  1 
ATOM   494 C CD  . PRO A 1 65 ? -5.514  -2.108  -3.057  1.00 41.23 ? 70  PRO A CD  1 
ATOM   495 N N   . ASP A 1 66 ? -8.337  -3.971  -3.633  1.00 47.02 ? 71  ASP A N   1 
ATOM   496 C CA  . ASP A 1 66 ? -9.394  -4.663  -4.374  1.00 49.38 ? 71  ASP A CA  1 
ATOM   497 C C   . ASP A 1 66 ? -9.327  -6.184  -4.392  1.00 50.41 ? 71  ASP A C   1 
ATOM   498 O O   . ASP A 1 66 ? -10.250 -6.843  -4.883  1.00 51.13 ? 71  ASP A O   1 
ATOM   499 C CB  . ASP A 1 66 ? -9.433  -4.133  -5.799  1.00 49.90 ? 71  ASP A CB  1 
ATOM   500 C CG  . ASP A 1 66 ? -9.567  -2.631  -5.854  1.00 51.42 ? 71  ASP A CG  1 
ATOM   501 O OD1 . ASP A 1 66 ? -10.446 -2.081  -5.158  1.00 51.54 ? 71  ASP A OD1 1 
ATOM   502 O OD2 . ASP A 1 66 ? -8.789  -1.990  -6.592  1.00 55.17 ? 71  ASP A OD2 1 
ATOM   503 N N   . ALA A 1 67 ? -8.240  -6.747  -3.865  1.00 50.16 ? 72  ALA A N   1 
ATOM   504 C CA  . ALA A 1 67 ? -8.077  -8.193  -3.826  1.00 50.16 ? 72  ALA A CA  1 
ATOM   505 C C   . ALA A 1 67 ? -8.982  -8.793  -2.764  1.00 49.92 ? 72  ALA A C   1 
ATOM   506 O O   . ALA A 1 67 ? -8.794  -8.559  -1.572  1.00 48.14 ? 72  ALA A O   1 
ATOM   507 C CB  . ALA A 1 67 ? -6.632  -8.544  -3.530  1.00 50.38 ? 72  ALA A CB  1 
ATOM   508 N N   . PRO A 1 68 ? -9.974  -9.592  -3.181  1.00 50.33 ? 73  PRO A N   1 
ATOM   509 C CA  . PRO A 1 68 ? -10.886 -10.206 -2.209  1.00 50.02 ? 73  PRO A CA  1 
ATOM   510 C C   . PRO A 1 68 ? -10.100 -10.824 -1.060  1.00 49.89 ? 73  PRO A C   1 
ATOM   511 O O   . PRO A 1 68 ? -10.572 -10.874 0.076   1.00 48.99 ? 73  PRO A O   1 
ATOM   512 C CB  . PRO A 1 68 ? -11.620 -11.254 -3.044  1.00 51.80 ? 73  PRO A CB  1 
ATOM   513 C CG  . PRO A 1 68 ? -11.653 -10.610 -4.420  1.00 51.05 ? 73  PRO A CG  1 
ATOM   514 C CD  . PRO A 1 68 ? -10.243 -10.082 -4.544  1.00 51.32 ? 73  PRO A CD  1 
ATOM   515 N N   . ARG A 1 69 ? -8.889  -11.285 -1.370  1.00 49.68 ? 74  ARG A N   1 
ATOM   516 C CA  . ARG A 1 69 ? -8.005  -11.895 -0.380  1.00 50.75 ? 74  ARG A CA  1 
ATOM   517 C C   . ARG A 1 69 ? -7.571  -10.885 0.688   1.00 49.84 ? 74  ARG A C   1 
ATOM   518 O O   . ARG A 1 69 ? -7.488  -11.215 1.875   1.00 49.30 ? 74  ARG A O   1 
ATOM   519 C CB  . ARG A 1 69 ? -6.761  -12.474 -1.070  1.00 53.44 ? 74  ARG A CB  1 
ATOM   520 C CG  . ARG A 1 69 ? -5.685  -12.986 -0.101  1.00 57.07 ? 74  ARG A CG  1 
ATOM   521 C CD  . ARG A 1 69 ? -4.662  -13.876 -0.797  1.00 60.45 ? 74  ARG A CD  1 
ATOM   522 N NE  . ARG A 1 69 ? -3.756  -14.504 0.162   1.00 63.20 ? 74  ARG A NE  1 
ATOM   523 C CZ  . ARG A 1 69 ? -2.729  -13.888 0.742   1.00 64.78 ? 74  ARG A CZ  1 
ATOM   524 N NH1 . ARG A 1 69 ? -2.458  -12.615 0.465   1.00 65.63 ? 74  ARG A NH1 1 
ATOM   525 N NH2 . ARG A 1 69 ? -1.974  -14.546 1.611   1.00 66.08 ? 74  ARG A NH2 1 
ATOM   526 N N   . ILE A 1 70 ? -7.279  -9.664  0.249   1.00 48.55 ? 75  ILE A N   1 
ATOM   527 C CA  . ILE A 1 70 ? -6.855  -8.607  1.153   1.00 47.36 ? 75  ILE A CA  1 
ATOM   528 C C   . ILE A 1 70 ? -8.015  -8.118  1.999   1.00 47.63 ? 75  ILE A C   1 
ATOM   529 O O   . ILE A 1 70 ? -7.843  -7.842  3.187   1.00 47.91 ? 75  ILE A O   1 
ATOM   530 C CB  . ILE A 1 70 ? -6.277  -7.421  0.377   1.00 47.69 ? 75  ILE A CB  1 
ATOM   531 C CG1 . ILE A 1 70 ? -5.101  -7.893  -0.473  1.00 47.20 ? 75  ILE A CG1 1 
ATOM   532 C CG2 . ILE A 1 70 ? -5.822  -6.334  1.341   1.00 46.80 ? 75  ILE A CG2 1 
ATOM   533 C CD1 . ILE A 1 70 ? -3.979  -8.469  0.320   1.00 47.02 ? 75  ILE A CD1 1 
ATOM   534 N N   . LYS A 1 71 ? -9.196  -7.997  1.397   1.00 46.83 ? 76  LYS A N   1 
ATOM   535 C CA  . LYS A 1 71 ? -10.352 -7.539  2.146   1.00 46.52 ? 76  LYS A CA  1 
ATOM   536 C C   . LYS A 1 71 ? -10.615 -8.536  3.260   1.00 46.76 ? 76  LYS A C   1 
ATOM   537 O O   . LYS A 1 71 ? -11.055 -8.165  4.345   1.00 44.97 ? 76  LYS A O   1 
ATOM   538 C CB  . LYS A 1 71 ? -11.570 -7.423  1.233   1.00 47.38 ? 76  LYS A CB  1 
ATOM   539 C CG  . LYS A 1 71 ? -11.356 -6.551  -0.002  1.00 48.17 ? 76  LYS A CG  1 
ATOM   540 C CD  . LYS A 1 71 ? -12.612 -6.535  -0.879  1.00 49.20 ? 76  LYS A CD  1 
ATOM   541 C CE  . LYS A 1 71 ? -12.444 -5.666  -2.122  1.00 47.98 ? 76  LYS A CE  1 
ATOM   542 N NZ  . LYS A 1 71 ? -12.145 -4.240  -1.801  1.00 46.72 ? 76  LYS A NZ  1 
ATOM   543 N N   . LYS A 1 72 ? -10.339 -9.809  2.985   1.00 47.14 ? 77  LYS A N   1 
ATOM   544 C CA  . LYS A 1 72 ? -10.531 -10.855 3.981   1.00 48.18 ? 77  LYS A CA  1 
ATOM   545 C C   . LYS A 1 72 ? -9.454  -10.735 5.048   1.00 46.49 ? 77  LYS A C   1 
ATOM   546 O O   . LYS A 1 72 ? -9.729  -10.873 6.232   1.00 47.50 ? 77  LYS A O   1 
ATOM   547 C CB  . LYS A 1 72 ? -10.463 -12.243 3.328   1.00 50.31 ? 77  LYS A CB  1 
ATOM   548 C CG  . LYS A 1 72 ? -11.661 -12.559 2.425   1.00 54.86 ? 77  LYS A CG  1 
ATOM   549 C CD  . LYS A 1 72 ? -11.359 -13.689 1.440   1.00 56.61 ? 77  LYS A CD  1 
ATOM   550 C CE  . LYS A 1 72 ? -10.989 -14.984 2.151   1.00 59.08 ? 77  LYS A CE  1 
ATOM   551 N NZ  . LYS A 1 72 ? -10.622 -16.072 1.192   1.00 60.88 ? 77  LYS A NZ  1 
ATOM   552 N N   . ILE A 1 73 ? -8.223  -10.470 4.637   1.00 46.34 ? 78  ILE A N   1 
ATOM   553 C CA  . ILE A 1 73 ? -7.160  -10.343 5.620   1.00 45.07 ? 78  ILE A CA  1 
ATOM   554 C C   . ILE A 1 73 ? -7.421  -9.186  6.576   1.00 43.50 ? 78  ILE A C   1 
ATOM   555 O O   . ILE A 1 73 ? -7.187  -9.313  7.776   1.00 42.29 ? 78  ILE A O   1 
ATOM   556 C CB  . ILE A 1 73 ? -5.790  -10.179 4.949   1.00 45.93 ? 78  ILE A CB  1 
ATOM   557 C CG1 . ILE A 1 73 ? -5.424  -11.484 4.231   1.00 47.18 ? 78  ILE A CG1 1 
ATOM   558 C CG2 . ILE A 1 73 ? -4.738  -9.835  6.001   1.00 47.81 ? 78  ILE A CG2 1 
ATOM   559 C CD1 . ILE A 1 73 ? -4.049  -11.500 3.583   1.00 48.08 ? 78  ILE A CD1 1 
ATOM   560 N N   . VAL A 1 74 ? -7.926  -8.071  6.056   1.00 42.44 ? 79  VAL A N   1 
ATOM   561 C CA  . VAL A 1 74 ? -8.227  -6.918  6.911   1.00 43.29 ? 79  VAL A CA  1 
ATOM   562 C C   . VAL A 1 74 ? -9.372  -7.278  7.848   1.00 44.92 ? 79  VAL A C   1 
ATOM   563 O O   . VAL A 1 74 ? -9.403  -6.864  9.010   1.00 44.92 ? 79  VAL A O   1 
ATOM   564 C CB  . VAL A 1 74 ? -8.645  -5.675  6.096   1.00 41.92 ? 79  VAL A CB  1 
ATOM   565 C CG1 . VAL A 1 74 ? -9.130  -4.568  7.036   1.00 39.46 ? 79  VAL A CG1 1 
ATOM   566 C CG2 . VAL A 1 74 ? -7.473  -5.172  5.275   1.00 40.75 ? 79  VAL A CG2 1 
ATOM   567 N N   . GLN A 1 75 ? -10.324 -8.050  7.338   1.00 47.36 ? 80  GLN A N   1 
ATOM   568 C CA  . GLN A 1 75 ? -11.446 -8.451  8.164   1.00 48.69 ? 80  GLN A CA  1 
ATOM   569 C C   . GLN A 1 75 ? -10.891 -9.320  9.287   1.00 48.59 ? 80  GLN A C   1 
ATOM   570 O O   . GLN A 1 75 ? -11.243 -9.140  10.446  1.00 48.30 ? 80  GLN A O   1 
ATOM   571 C CB  . GLN A 1 75 ? -12.479 -9.225  7.338   1.00 51.59 ? 80  GLN A CB  1 
ATOM   572 C CG  . GLN A 1 75 ? -13.877 -9.183  7.937   1.00 54.61 ? 80  GLN A CG  1 
ATOM   573 C CD  . GLN A 1 75 ? -14.244 -7.782  8.411   1.00 56.42 ? 80  GLN A CD  1 
ATOM   574 O OE1 . GLN A 1 75 ? -14.303 -6.836  7.619   1.00 57.37 ? 80  GLN A OE1 1 
ATOM   575 N NE2 . GLN A 1 75 ? -14.476 -7.643  9.712   1.00 57.45 ? 80  GLN A NE2 1 
ATOM   576 N N   . LYS A 1 76 ? -10.002 -10.248 8.945   1.00 49.16 ? 81  LYS A N   1 
ATOM   577 C CA  . LYS A 1 76 ? -9.398  -11.120 9.950   1.00 49.77 ? 81  LYS A CA  1 
ATOM   578 C C   . LYS A 1 76 ? -8.696  -10.280 11.029  1.00 48.60 ? 81  LYS A C   1 
ATOM   579 O O   . LYS A 1 76 ? -8.911  -10.488 12.223  1.00 48.06 ? 81  LYS A O   1 
ATOM   580 C CB  . LYS A 1 76 ? -8.372  -12.062 9.310   1.00 52.28 ? 81  LYS A CB  1 
ATOM   581 C CG  . LYS A 1 76 ? -8.881  -12.884 8.122   1.00 57.15 ? 81  LYS A CG  1 
ATOM   582 C CD  . LYS A 1 76 ? -9.493  -14.227 8.525   1.00 60.22 ? 81  LYS A CD  1 
ATOM   583 C CE  . LYS A 1 76 ? -8.419  -15.306 8.693   1.00 61.69 ? 81  LYS A CE  1 
ATOM   584 N NZ  . LYS A 1 76 ? -7.386  -14.910 9.695   1.00 63.29 ? 81  LYS A NZ  1 
ATOM   585 N N   . LYS A 1 77 ? -7.858  -9.332  10.612  1.00 46.78 ? 82  LYS A N   1 
ATOM   586 C CA  . LYS A 1 77 ? -7.143  -8.501  11.574  1.00 46.37 ? 82  LYS A CA  1 
ATOM   587 C C   . LYS A 1 77 ? -8.110  -7.750  12.509  1.00 46.25 ? 82  LYS A C   1 
ATOM   588 O O   . LYS A 1 77 ? -7.831  -7.594  13.703  1.00 43.80 ? 82  LYS A O   1 
ATOM   589 C CB  . LYS A 1 77 ? -6.229  -7.506  10.845  1.00 47.55 ? 82  LYS A CB  1 
ATOM   590 C CG  . LYS A 1 77 ? -5.145  -8.148  9.976   1.00 47.78 ? 82  LYS A CG  1 
ATOM   591 C CD  . LYS A 1 77 ? -4.266  -9.132  10.750  1.00 47.39 ? 82  LYS A CD  1 
ATOM   592 C CE  . LYS A 1 77 ? -3.499  -8.474  11.893  1.00 46.43 ? 82  LYS A CE  1 
ATOM   593 N NZ  . LYS A 1 77 ? -2.582  -9.447  12.555  1.00 44.26 ? 82  LYS A NZ  1 
ATOM   594 N N   . LEU A 1 78 ? -9.245  -7.303  11.970  1.00 46.46 ? 83  LEU A N   1 
ATOM   595 C CA  . LEU A 1 78 ? -10.242 -6.571  12.758  1.00 49.41 ? 83  LEU A CA  1 
ATOM   596 C C   . LEU A 1 78 ? -10.887 -7.411  13.859  1.00 52.17 ? 83  LEU A C   1 
ATOM   597 O O   . LEU A 1 78 ? -11.268 -6.891  14.905  1.00 52.80 ? 83  LEU A O   1 
ATOM   598 C CB  . LEU A 1 78 ? -11.341 -6.018  11.848  1.00 48.12 ? 83  LEU A CB  1 
ATOM   599 C CG  . LEU A 1 78 ? -10.794 -4.924  10.923  1.00 48.06 ? 83  LEU A CG  1 
ATOM   600 C CD1 . LEU A 1 78 ? -11.892 -4.468  9.984   1.00 47.33 ? 83  LEU A CD1 1 
ATOM   601 C CD2 . LEU A 1 78 ? -10.297 -3.745  11.746  1.00 48.13 ? 83  LEU A CD2 1 
ATOM   602 N N   . ALA A 1 79 ? -11.022 -8.707  13.615  1.00 55.25 ? 84  ALA A N   1 
ATOM   603 C CA  . ALA A 1 79 ? -11.618 -9.614  14.588  1.00 58.24 ? 84  ALA A CA  1 
ATOM   604 C C   . ALA A 1 79 ? -10.587 -9.898  15.669  1.00 60.16 ? 84  ALA A C   1 
ATOM   605 O O   . ALA A 1 79 ? -9.388  -9.945  15.393  1.00 61.09 ? 84  ALA A O   1 
ATOM   606 C CB  . ALA A 1 79 ? -12.044 -10.917 13.900  1.00 57.85 ? 84  ALA A CB  1 
ATOM   607 N N   . GLY A 1 80 ? -11.038 -10.088 16.901  1.00 62.72 ? 85  GLY A N   1 
ATOM   608 C CA  . GLY A 1 80 ? -10.092 -10.349 17.971  1.00 65.92 ? 85  GLY A CA  1 
ATOM   609 C C   . GLY A 1 80 ? -10.732 -10.453 19.333  1.00 68.03 ? 85  GLY A C   1 
ATOM   610 O O   . GLY A 1 80 ? -10.204 -9.937  20.319  1.00 68.51 ? 85  GLY A O   1 
ATOM   611 N N   . ASP A 1 81 ? -11.882 -11.120 19.385  1.00 70.75 ? 86  ASP A N   1 
ATOM   612 C CA  . ASP A 1 81 ? -12.606 -11.316 20.635  1.00 73.13 ? 86  ASP A CA  1 
ATOM   613 C C   . ASP A 1 81 ? -12.227 -12.679 21.215  1.00 73.80 ? 86  ASP A C   1 
ATOM   614 O O   . ASP A 1 81 ? -11.485 -13.425 20.526  1.00 74.21 ? 86  ASP A O   1 
ATOM   615 C CB  . ASP A 1 81 ? -14.125 -11.261 20.401  1.00 74.91 ? 86  ASP A CB  1 
ATOM   616 C CG  . ASP A 1 81 ? -14.627 -9.859  20.064  1.00 76.74 ? 86  ASP A CG  1 
ATOM   617 O OD1 . ASP A 1 81 ? -14.349 -8.926  20.853  1.00 77.84 ? 86  ASP A OD1 1 
ATOM   618 O OD2 . ASP A 1 81 ? -15.303 -9.694  19.019  1.00 77.84 ? 86  ASP A OD2 1 
HETATM 619 C C1  . ESA B 2 .  ? -4.291  -19.456 4.865   1.00 99.40 ? 101 ESA A C1  1 
HETATM 620 C C2  . ESA B 2 .  ? -5.436  -18.441 4.921   1.00 99.68 ? 101 ESA A C2  1 
HETATM 621 S S   . ESA B 2 .  ? -4.769  -16.740 4.904   1.00 99.68 ? 101 ESA A S   1 
HETATM 622 O O1  . ESA B 2 .  ? -3.463  -16.715 5.592   1.00 99.68 ? 101 ESA A O1  1 
HETATM 623 O O2  . ESA B 2 .  ? -5.711  -15.836 5.596   1.00 99.56 ? 101 ESA A O2  1 
HETATM 624 O O3  . ESA B 2 .  ? -4.595  -16.298 3.506   1.00 99.68 ? 101 ESA A O3  1 
HETATM 625 C C1  . ESA C 2 .  ? -6.468  -18.839 5.985   1.00 99.58 ? 102 ESA A C1  1 
HETATM 626 C C2  . ESA C 2 .  ? -7.133  -20.181 5.643   1.00 99.58 ? 102 ESA A C2  1 
HETATM 627 S S   . ESA C 2 .  ? -8.072  -20.069 4.074   1.00 99.68 ? 102 ESA A S   1 
HETATM 628 O O1  . ESA C 2 .  ? -9.172  -21.055 4.087   1.00 99.68 ? 102 ESA A O1  1 
HETATM 629 O O2  . ESA C 2 .  ? -7.175  -20.360 2.934   1.00 99.68 ? 102 ESA A O2  1 
HETATM 630 O O3  . ESA C 2 .  ? -8.636  -18.709 3.920   1.00 99.68 ? 102 ESA A O3  1 
HETATM 631 C C1  . ESA D 2 .  ? -6.937  -21.191 6.782   1.00 99.55 ? 103 ESA A C1  1 
HETATM 632 C C2  . ESA D 2 .  ? -7.704  -20.778 8.043   1.00 99.60 ? 103 ESA A C2  1 
HETATM 633 S S   . ESA D 2 .  ? -6.661  -19.771 9.150   1.00 99.68 ? 103 ESA A S   1 
HETATM 634 O O1  . ESA D 2 .  ? -5.234  -19.992 8.844   1.00 99.61 ? 103 ESA A O1  1 
HETATM 635 O O2  . ESA D 2 .  ? -6.929  -20.152 10.548  1.00 99.68 ? 103 ESA A O2  1 
HETATM 636 O O3  . ESA D 2 .  ? -6.988  -18.344 8.971   1.00 99.68 ? 103 ESA A O3  1 
HETATM 637 O O   . HOH E 3 .  ? -0.171  8.441   6.153   1.00 59.56 ? 200 HOH A O   1 
HETATM 638 O O   . HOH E 3 .  ? -10.331 -6.443  20.205  1.00 55.95 ? 201 HOH A O   1 
HETATM 639 O O   . HOH E 3 .  ? -1.907  -0.505  -1.498  1.00 32.01 ? 202 HOH A O   1 
HETATM 640 O O   . HOH E 3 .  ? 10.137  -4.595  1.388   1.00 51.86 ? 204 HOH A O   1 
HETATM 641 O O   . HOH E 3 .  ? 0.443   0.871   10.297  1.00 40.84 ? 205 HOH A O   1 
HETATM 642 O O   . HOH E 3 .  ? -0.618  0.298   -6.804  1.00 63.36 ? 206 HOH A O   1 
HETATM 643 O O   . HOH E 3 .  ? 2.505   2.098   -9.883  1.00 56.51 ? 207 HOH A O   1 
HETATM 644 O O   . HOH E 3 .  ? 6.240   8.558   -1.486  1.00 41.06 ? 209 HOH A O   1 
HETATM 645 O O   . HOH E 3 .  ? 1.572   0.516   7.965   1.00 34.14 ? 210 HOH A O   1 
HETATM 646 O O   . HOH E 3 .  ? -0.841  9.325   1.112   1.00 52.03 ? 211 HOH A O   1 
HETATM 647 O O   . HOH E 3 .  ? -16.309 -14.983 8.644   1.00 59.24 ? 212 HOH A O   1 
HETATM 648 O O   . HOH E 3 .  ? -11.133 7.124   -1.045  1.00 40.34 ? 213 HOH A O   1 
HETATM 649 O O   . HOH E 3 .  ? 4.060   4.312   -13.741 1.00 35.27 ? 214 HOH A O   1 
HETATM 650 O O   . HOH E 3 .  ? 6.725   -3.927  13.622  1.00 50.08 ? 215 HOH A O   1 
HETATM 651 O O   . HOH E 3 .  ? 2.503   2.960   7.330   1.00 47.54 ? 216 HOH A O   1 
HETATM 652 O O   . HOH E 3 .  ? 6.287   5.941   -0.700  1.00 30.92 ? 217 HOH A O   1 
HETATM 653 O O   . HOH E 3 .  ? -2.112  7.591   -0.557  1.00 36.13 ? 218 HOH A O   1 
HETATM 654 O O   . HOH E 3 .  ? 5.860   6.055   1.859   1.00 47.07 ? 219 HOH A O   1 
HETATM 655 O O   . HOH E 3 .  ? 5.754   8.918   -8.741  1.00 67.22 ? 220 HOH A O   1 
HETATM 656 O O   . HOH E 3 .  ? 4.121   -10.509 -4.421  1.00 46.13 ? 221 HOH A O   1 
HETATM 657 O O   . HOH E 3 .  ? -19.280 7.721   -1.303  1.00 75.52 ? 222 HOH A O   1 
HETATM 658 O O   . HOH E 3 .  ? -1.682  -9.022  14.901  1.00 57.35 ? 223 HOH A O   1 
HETATM 659 O O   . HOH E 3 .  ? -9.494  -17.214 -1.689  1.00 87.21 ? 224 HOH A O   1 
HETATM 660 O O   . HOH E 3 .  ? -5.755  11.674  -8.907  1.00 48.48 ? 225 HOH A O   1 
HETATM 661 O O   . HOH E 3 .  ? 2.141   4.686   -8.142  1.00 61.60 ? 227 HOH A O   1 
HETATM 662 O O   . HOH E 3 .  ? -2.934  0.820   -3.956  1.00 44.82 ? 228 HOH A O   1 
HETATM 663 O O   . HOH E 3 .  ? -2.420  -3.787  -6.674  1.00 57.64 ? 230 HOH A O   1 
HETATM 664 O O   . HOH E 3 .  ? -3.882  -8.375  -6.332  1.00 49.11 ? 231 HOH A O   1 
HETATM 665 O O   . HOH E 3 .  ? -1.764  -7.552  -2.222  1.00 37.69 ? 232 HOH A O   1 
HETATM 666 O O   . HOH E 3 .  ? -5.261  5.623   -13.130 1.00 56.91 ? 233 HOH A O   1 
HETATM 667 O O   . HOH E 3 .  ? -7.978  11.291  -6.546  1.00 54.56 ? 236 HOH A O   1 
HETATM 668 O O   . HOH E 3 .  ? 7.022   -10.582 9.843   1.00 51.24 ? 237 HOH A O   1 
HETATM 669 O O   . HOH E 3 .  ? -1.315  2.569   -4.980  1.00 47.94 ? 238 HOH A O   1 
HETATM 670 O O   . HOH E 3 .  ? -12.873 -3.224  -4.159  1.00 50.03 ? 239 HOH A O   1 
HETATM 671 O O   . HOH E 3 .  ? -4.586  7.524   -1.701  1.00 40.52 ? 240 HOH A O   1 
HETATM 672 O O   . HOH E 3 .  ? -10.275 0.235   -3.802  1.00 52.41 ? 241 HOH A O   1 
HETATM 673 O O   . HOH E 3 .  ? 6.939   9.623   -6.403  1.00 55.10 ? 242 HOH A O   1 
HETATM 674 O O   . HOH E 3 .  ? -2.392  13.185  -3.055  1.00 53.80 ? 243 HOH A O   1 
HETATM 675 O O   . HOH E 3 .  ? 8.962   -0.788  9.862   1.00 60.16 ? 245 HOH A O   1 
HETATM 676 O O   . HOH E 3 .  ? -0.868  -8.000  -5.108  1.00 63.03 ? 246 HOH A O   1 
HETATM 677 O O   . HOH E 3 .  ? 4.363   4.326   6.117   1.00 72.08 ? 247 HOH A O   1 
HETATM 678 O O   . HOH E 3 .  ? -6.131  -1.936  -6.659  1.00 57.91 ? 248 HOH A O   1 
HETATM 679 O O   . HOH E 3 .  ? -1.076  9.874   3.462   1.00 54.47 ? 250 HOH A O   1 
HETATM 680 O O   . HOH E 3 .  ? 4.714   14.890  -6.985  1.00 66.28 ? 252 HOH A O   1 
HETATM 681 O O   . HOH E 3 .  ? -17.086 5.590   -7.922  1.00 68.67 ? 253 HOH A O   1 
HETATM 682 O O   . HOH E 3 .  ? 5.215   9.500   -4.035  1.00 62.73 ? 254 HOH A O   1 
HETATM 683 O O   . HOH E 3 .  ? -7.525  -11.986 -4.614  1.00 57.87 ? 255 HOH A O   1 
HETATM 684 O O   . HOH E 3 .  ? 4.863   -18.357 13.929  1.00 89.67 ? 256 HOH A O   1 
HETATM 685 O O   . HOH E 3 .  ? -2.935  -11.159 -1.826  1.00 67.65 ? 257 HOH A O   1 
HETATM 686 O O   . HOH E 3 .  ? -3.339  10.701  4.381   1.00 61.91 ? 259 HOH A O   1 
HETATM 687 O O   . HOH E 3 .  ? 1.316   4.452   -11.284 1.00 56.67 ? 260 HOH A O   1 
HETATM 688 O O   . HOH E 3 .  ? -6.487  14.075  0.578   1.00 61.13 ? 261 HOH A O   1 
HETATM 689 O O   . HOH E 3 .  ? -10.410 5.443   -8.951  1.00 62.60 ? 262 HOH A O   1 
HETATM 690 O O   . HOH E 3 .  ? -8.326  11.289  -10.820 1.00 69.66 ? 263 HOH A O   1 
HETATM 691 O O   . HOH E 3 .  ? -5.319  10.495  0.935   1.00 59.78 ? 265 HOH A O   1 
HETATM 692 O O   . HOH E 3 .  ? -14.414 -8.286  -2.947  1.00 69.75 ? 266 HOH A O   1 
HETATM 693 O O   . HOH E 3 .  ? -1.216  -12.027 15.002  1.00 52.84 ? 267 HOH A O   1 
HETATM 694 O O   . HOH E 3 .  ? -18.185 -7.116  4.687   1.00 76.70 ? 268 HOH A O   1 
HETATM 695 O O   . HOH E 3 .  ? 6.145   -13.306 2.390   1.00 58.86 ? 270 HOH A O   1 
HETATM 696 O O   . HOH E 3 .  ? 5.638   -6.990  -5.342  1.00 57.51 ? 272 HOH A O   1 
HETATM 697 O O   . HOH E 3 .  ? -1.114  9.802   -1.625  1.00 61.77 ? 274 HOH A O   1 
HETATM 698 O O   . HOH E 3 .  ? -3.247  -1.323  -6.055  1.00 61.23 ? 275 HOH A O   1 
HETATM 699 O O   . HOH E 3 .  ? -14.626 8.549   -8.429  1.00 70.93 ? 277 HOH A O   1 
HETATM 700 O O   . HOH E 3 .  ? -15.604 -11.044 9.676   1.00 81.00 ? 278 HOH A O   1 
HETATM 701 O O   . HOH E 3 .  ? 3.806   -13.868 4.823   1.00 72.13 ? 279 HOH A O   1 
HETATM 702 O O   . HOH E 3 .  ? 0.677   17.569  -11.933 1.00 61.14 ? 280 HOH A O   1 
HETATM 703 O O   . HOH E 3 .  ? -10.244 12.474  -3.817  1.00 60.76 ? 282 HOH A O   1 
HETATM 704 O O   . HOH E 3 .  ? 1.797   6.508   6.028   1.00 71.65 ? 283 HOH A O   1 
HETATM 705 O O   . HOH E 3 .  ? 0.155   3.963   10.630  1.00 51.98 ? 284 HOH A O   1 
HETATM 706 O O   . HOH E 3 .  ? -15.424 -5.061  -3.082  1.00 73.49 ? 285 HOH A O   1 
HETATM 707 O O   . HOH E 3 .  ? 6.772   4.114   -14.046 1.00 71.26 ? 286 HOH A O   1 
HETATM 708 O O   . HOH E 3 .  ? 2.492   -10.986 -8.106  1.00 68.70 ? 287 HOH A O   1 
HETATM 709 O O   . HOH E 3 .  ? 4.649   6.868   10.976  1.00 75.02 ? 289 HOH A O   1 
HETATM 710 O O   . HOH E 3 .  ? -17.988 -11.596 2.477   1.00 79.69 ? 291 HOH A O   1 
HETATM 711 O O   . HOH E 3 .  ? -6.968  -6.711  -7.912  1.00 59.10 ? 293 HOH A O   1 
HETATM 712 O O   . HOH E 3 .  ? 5.928   -9.456  -7.416  1.00 75.16 ? 294 HOH A O   1 
HETATM 713 O O   . HOH E 3 .  ? 2.828   12.949  -0.705  1.00 74.80 ? 295 HOH A O   1 
HETATM 714 O O   . HOH E 3 .  ? -15.638 6.378   -5.340  1.00 76.09 ? 296 HOH A O   1 
HETATM 715 O O   . HOH E 3 .  ? -11.799 12.319  -1.658  1.00 68.03 ? 297 HOH A O   1 
HETATM 716 O O   . HOH E 3 .  ? -10.776 7.790   -10.828 1.00 74.36 ? 298 HOH A O   1 
HETATM 717 O O   . HOH E 3 .  ? -7.540  10.811  2.197   1.00 67.48 ? 301 HOH A O   1 
HETATM 718 O O   . HOH E 3 .  ? 6.119   -8.704  18.161  1.00 78.90 ? 302 HOH A O   1 
HETATM 719 O O   . HOH E 3 .  ? 4.958   12.121  -3.839  1.00 64.66 ? 303 HOH A O   1 
HETATM 720 O O   . HOH E 3 .  ? 18.925  6.721   -18.308 1.00 77.16 ? 304 HOH A O   1 
HETATM 721 O O   . HOH E 3 .  ? 7.813   -10.838 -2.244  1.00 86.52 ? 305 HOH A O   1 
HETATM 722 O O   . HOH E 3 .  ? -19.660 10.339  -1.436  1.00 74.88 ? 306 HOH A O   1 
HETATM 723 O O   . HOH E 3 .  ? 8.198   17.559  -6.572  1.00 61.69 ? 307 HOH A O   1 
HETATM 724 O O   . HOH E 3 .  ? -14.227 9.324   -5.268  1.00 83.78 ? 308 HOH A O   1 
HETATM 725 O O   . HOH E 3 .  ? -2.004  -15.339 -2.502  1.00 72.18 ? 309 HOH A O   1 
HETATM 726 O O   . HOH E 3 .  ? 7.452   13.179  -13.547 1.00 61.70 ? 310 HOH A O   1 
HETATM 727 O O   . HOH E 3 .  ? -16.875 3.369   -3.871  1.00 86.04 ? 311 HOH A O   1 
HETATM 728 O O   . HOH E 3 .  ? 10.967  25.287  -10.658 1.00 73.16 ? 312 HOH A O   1 
HETATM 729 O O   . HOH E 3 .  ? -0.319  -21.231 4.143   1.00 80.00 ? 313 HOH A O   1 
HETATM 730 O O   . HOH E 3 .  ? 7.056   -7.626  -3.165  1.00 69.20 ? 314 HOH A O   1 
HETATM 731 O O   . HOH E 3 .  ? 17.611  4.727   -13.539 1.00 81.86 ? 315 HOH A O   1 
HETATM 732 O O   . HOH E 3 .  ? 7.972   -0.204  12.382  1.00 75.53 ? 316 HOH A O   1 
HETATM 733 O O   . HOH E 3 .  ? 1.757   4.831   12.553  1.00 69.68 ? 318 HOH A O   1 
HETATM 734 O O   . HOH E 3 .  ? 6.455   -6.760  16.505  1.00 71.11 ? 319 HOH A O   1 
HETATM 735 O O   . HOH E 3 .  ? 8.391   26.111  -10.818 1.00 76.65 ? 320 HOH A O   1 
HETATM 736 O O   . HOH E 3 .  ? 13.162  13.519  -18.010 1.00 78.13 ? 321 HOH A O   1 
HETATM 737 O O   . HOH E 3 .  ? -17.325 -7.957  6.870   1.00 93.49 ? 322 HOH A O   1 
HETATM 738 O O   . HOH E 3 .  ? 15.511  4.195   -15.467 1.00 87.55 ? 323 HOH A O   1 
HETATM 739 O O   . HOH E 3 .  ? -6.540  -14.681 12.594  1.00 84.43 ? 324 HOH A O   1 
HETATM 740 O O   . HOH E 3 .  ? -18.702 -0.510  -1.919  1.00 83.53 ? 325 HOH A O   1 
HETATM 741 O O   . HOH E 3 .  ? 3.628   7.507   13.804  1.00 88.28 ? 326 HOH A O   1 
HETATM 742 O O   . HOH E 3 .  ? 19.944  21.877  -6.929  1.00 89.90 ? 327 HOH A O   1 
HETATM 743 O O   . HOH E 3 .  ? 8.099   5.779   8.307   1.00 74.70 ? 328 HOH A O   1 
HETATM 744 O O   . HOH E 3 .  ? -6.197  -12.498 14.215  1.00 73.18 ? 329 HOH A O   1 
HETATM 745 O O   . HOH E 3 .  ? 16.262  18.943  -3.382  1.00 74.28 ? 330 HOH A O   1 
HETATM 746 O O   . HOH E 3 .  ? -9.014  -5.837  -9.363  1.00 73.75 ? 331 HOH A O   1 
HETATM 747 O O   . HOH E 3 .  ? -4.668  -19.552 0.406   1.00 81.92 ? 332 HOH A O   1 
HETATM 748 O O   . HOH E 3 .  ? 19.550  1.415   -15.426 1.00 91.14 ? 333 HOH A O   1 
HETATM 749 O O   . HOH E 3 .  ? -18.462 -2.672  -3.491  1.00 81.36 ? 335 HOH A O   1 
HETATM 750 O O   . HOH E 3 .  ? 2.452   -15.733 17.905  1.00 80.33 ? 336 HOH A O   1 
HETATM 751 O O   . HOH E 3 .  ? -9.802  14.061  -7.900  1.00 82.38 ? 337 HOH A O   1 
HETATM 752 O O   . HOH E 3 .  ? 9.287   10.201  -7.386  1.00 85.51 ? 338 HOH A O   1 
HETATM 753 O O   . HOH E 3 .  ? -17.902 2.658   -1.405  1.00 95.24 ? 339 HOH A O   1 
HETATM 754 O O   . HOH E 3 .  ? 5.000   -10.163 -9.991  1.00 81.63 ? 340 HOH A O   1 
HETATM 755 O O   . HOH E 3 .  ? 17.619  5.972   -11.279 1.00 77.25 ? 341 HOH A O   1 
HETATM 756 O O   . HOH E 3 .  ? -14.461 -14.011 -1.686  1.00 88.62 ? 342 HOH A O   1 
HETATM 757 O O   . HOH E 3 .  ? 17.823  20.641  -0.578  1.00 77.66 ? 343 HOH A O   1 
HETATM 758 O O   . HOH E 3 .  ? -15.412 3.687   -6.011  1.00 91.44 ? 344 HOH A O   1 
HETATM 759 O O   . HOH E 3 .  ? 18.441  12.773  -14.569 1.00 80.77 ? 345 HOH A O   1 
HETATM 760 O O   . HOH E 3 .  ? -5.381  0.182   -5.288  1.00 84.83 ? 346 HOH A O   1 
HETATM 761 O O   . HOH E 3 .  ? 6.099   11.676  -8.851  1.00 73.51 ? 347 HOH A O   1 
HETATM 762 O O   . HOH E 3 .  ? 6.057   -3.209  18.897  1.00 75.04 ? 348 HOH A O   1 
HETATM 763 O O   . HOH E 3 .  ? -13.109 -5.772  -5.811  1.00 79.88 ? 349 HOH A O   1 
HETATM 764 O O   . HOH E 3 .  ? -1.355  -12.250 -6.476  1.00 76.39 ? 350 HOH A O   1 
HETATM 765 O O   . HOH E 3 .  ? 4.083   -13.558 14.116  1.00 77.91 ? 351 HOH A O   1 
HETATM 766 O O   . HOH E 3 .  ? -14.167 5.820   -8.443  1.00 84.44 ? 352 HOH A O   1 
HETATM 767 O O   . HOH E 3 .  ? -4.147  15.095  -11.490 1.00 77.29 ? 353 HOH A O   1 
HETATM 768 O O   . HOH E 3 .  ? -17.509 6.058   -3.488  1.00 86.05 ? 360 HOH A O   1 
HETATM 769 O O   . HOH E 3 .  ? -11.579 10.680  -5.255  1.00 77.24 ? 366 HOH A O   1 
# 
